data_3CFP
#
_entry.id   3CFP
#
_cell.length_a   80.726
_cell.length_b   117.281
_cell.length_c   126.813
_cell.angle_alpha   90.00
_cell.angle_beta   90.00
_cell.angle_gamma   90.00
#
_symmetry.space_group_name_H-M   'P 21 21 21'
#
loop_
_entity.id
_entity.type
_entity.pdbx_description
1 polymer "DNA (5'-D(*DAP*DCP*DAP*DGP*DGP*DTP*DAP*DAP*DGP*DCP*DAP*DGP*DTP*DCP*DCP*DGP*DCP*DG)-3')"
2 polymer "DNA (5'-D(*DGP*DCP*DGP*DGP*DAP*DCP*DTP*DGP*DCP*DTP*DTP*DAP*DCP*(DOC))-3')"
3 polymer 'DNA polymerase'
4 non-polymer 'CALCIUM ION'
5 non-polymer 'CHLORIDE ION'
6 non-polymer "THYMIDINE-5'-TRIPHOSPHATE"
7 water water
#
loop_
_entity_poly.entity_id
_entity_poly.type
_entity_poly.pdbx_seq_one_letter_code
_entity_poly.pdbx_strand_id
1 'polydeoxyribonucleotide' (DA)(DC)(DA)(DG)(DG)(DT)(DA)(DA)(DG)(DC)(DA)(DG)(DT)(DC)(DC)(DG)(DC)(DG) T
2 'polydeoxyribonucleotide' (DG)(DC)(DG)(DG)(DA)(DC)(DT)(DG)(DC)(DT)(DT)(DA)(DC)(DOC) P
3 'polypeptide(L)'
;MKEFYLTVEQIGDSIFERYIDSNGRERTREVEYKPSLFAHCPESQATKYFDIYGKPCTRKLFANMRDASQWIKRMEDIGL
EALGMDDFKLAYLSDTYNYEIKYDHTKIRVANFDIEVTSPDGFPEPSQAKHPIDAITHYDSIDDRFYVFDLLNSPYGNVE
EWSIEIAAKLQEQGGDEVPSEIIDKIIYMPFDNEKELLMEYLNFWQQKTPVILTGWNVESFDIPYVYNRIKNIFGESTAK
RLSPHRKTRVKVIENMYGSREIITLFGISVLDYIDLYKKFSFTNQPSYSLDYISEFELNVGKLKYDGPISKLRESNHQRY
ISYNIIDVYRVLQIDAKRQFINLSLDMGYYAKIQIQSVFSPIKTWDAIIFNSLKEQNKVIPQGRSHPVQPYPGAFVKEPI
PNRYKYVMSFDLTSLYPSIIRQVNISPETIAGTFKVAPLHDYINAVAERPSDVYSCSPNGMMYYKDRDGVVPTEITKVFN
QRKEHKGYMLAAQRNGEIIKEALHNPNLSVDEPLDVDYRFDFSDEIKEKIKKLSAKSLNEMLFRAQRTEVAGMTAQINRK
ALINGLAGALGNVWFRYYDLRNATAITTFGQMALQWIERKVNEYLNEVCGTEGEAFVLYGDTDSIYVSADKIIDKVGESK
FRDTNHWVDFLDKFARERMEPAIDRGFREMCEYMNNKQHLMFMDREAIAGPPLGSKGIGGFWTGKKRYALNVWDMEGTRY
AEPKLKIMGLETQKSSTPKAVQKALKECIRRMLQEGEESLQEYFKEFEKEFRQLNYISIASVSSANNIAKYDVGGFPGPK
CPFHIRGILTYNRAIKGNIDAPQVVEGEKVYVLPLREGNPFGDKCIAWPSGTEITDLIKDDVLHWMDYTVLLEKTFIKPL
EGFTSAAKLDYEKKASLFDMFDFHHHHHH
;
A
#
loop_
_chem_comp.id
_chem_comp.type
_chem_comp.name
_chem_comp.formula
CA non-polymer 'CALCIUM ION' 'Ca 2'
CL non-polymer 'CHLORIDE ION' 'Cl -1'
DA DNA linking 2'-DEOXYADENOSINE-5'-MONOPHOSPHATE 'C10 H14 N5 O6 P'
DC DNA linking 2'-DEOXYCYTIDINE-5'-MONOPHOSPHATE 'C9 H14 N3 O7 P'
DG DNA linking 2'-DEOXYGUANOSINE-5'-MONOPHOSPHATE 'C10 H14 N5 O7 P'
DOC DNA linking 2',3'-DIDEOXYCYTIDINE-5'-MONOPHOSPHATE 'C9 H14 N3 O6 P'
DT DNA linking THYMIDINE-5'-MONOPHOSPHATE 'C10 H15 N2 O8 P'
TTP non-polymer THYMIDINE-5'-TRIPHOSPHATE 'C10 H17 N2 O14 P3'
#
# COMPACT_ATOMS: atom_id res chain seq x y z
N1 DOC B 14 -3.89 -1.59 -12.73
C2 DOC B 14 -3.01 -2.71 -12.68
N3 DOC B 14 -2.10 -2.81 -11.71
C4 DOC B 14 -1.99 -1.88 -10.75
C5 DOC B 14 -2.84 -0.77 -10.77
C6 DOC B 14 -3.80 -0.65 -11.78
O2 DOC B 14 -3.08 -3.60 -13.55
N4 DOC B 14 -1.06 -2.05 -9.77
C1' DOC B 14 -4.87 -1.52 -13.83
C2' DOC B 14 -6.10 -2.31 -13.44
C3' DOC B 14 -7.13 -1.27 -13.07
C4' DOC B 14 -6.70 -0.08 -13.89
O4' DOC B 14 -5.30 -0.19 -14.10
C5' DOC B 14 -7.03 1.23 -13.18
O5' DOC B 14 -6.76 2.20 -14.17
P DOC B 14 -6.85 3.78 -13.95
OP1 DOC B 14 -7.61 4.37 -15.13
OP2 DOC B 14 -7.10 4.12 -12.50
N MET C 1 -11.35 -20.46 26.83
CA MET C 1 -11.31 -19.89 25.46
C MET C 1 -10.50 -20.77 24.50
N LYS C 2 -10.80 -20.67 23.21
CA LYS C 2 -10.07 -21.37 22.16
C LYS C 2 -8.58 -21.05 22.20
N GLU C 3 -7.74 -22.07 22.03
CA GLU C 3 -6.28 -21.85 22.02
C GLU C 3 -5.82 -21.18 20.71
N PHE C 4 -4.78 -20.35 20.79
CA PHE C 4 -4.18 -19.76 19.57
C PHE C 4 -2.68 -19.54 19.71
N TYR C 5 -1.96 -19.73 18.61
CA TYR C 5 -0.52 -19.53 18.59
C TYR C 5 -0.12 -18.06 18.58
N LEU C 6 1.08 -17.81 19.10
CA LEU C 6 1.74 -16.52 18.99
C LEU C 6 2.79 -16.58 17.88
N THR C 7 3.82 -17.39 18.08
CA THR C 7 4.89 -17.53 17.09
C THR C 7 5.32 -18.97 16.95
N VAL C 8 5.77 -19.35 15.76
CA VAL C 8 6.31 -20.67 15.55
C VAL C 8 7.66 -20.57 14.86
N GLU C 9 8.58 -21.46 15.24
CA GLU C 9 9.89 -21.57 14.59
C GLU C 9 10.30 -23.03 14.51
N GLN C 10 11.10 -23.36 13.50
CA GLN C 10 11.73 -24.67 13.39
C GLN C 10 13.24 -24.54 13.60
N ILE C 11 13.76 -25.23 14.61
CA ILE C 11 15.20 -25.25 14.90
C ILE C 11 15.62 -26.71 14.94
N GLY C 12 16.46 -27.13 13.99
CA GLY C 12 16.86 -28.53 13.92
C GLY C 12 15.63 -29.42 13.84
N ASP C 13 15.58 -30.44 14.69
CA ASP C 13 14.46 -31.39 14.64
C ASP C 13 13.33 -31.02 15.58
N SER C 14 13.34 -29.77 16.02
CA SER C 14 12.35 -29.31 16.97
C SER C 14 11.62 -28.03 16.53
N ILE C 15 10.33 -28.01 16.86
CA ILE C 15 9.46 -26.88 16.64
C ILE C 15 9.23 -26.12 17.95
N PHE C 16 9.58 -24.83 17.95
CA PHE C 16 9.38 -23.95 19.10
C PHE C 16 8.17 -23.07 18.90
N GLU C 17 7.22 -23.15 19.82
CA GLU C 17 5.99 -22.39 19.68
C GLU C 17 5.62 -21.64 20.96
N ARG C 18 5.30 -20.35 20.80
CA ARG C 18 4.68 -19.57 21.84
C ARG C 18 3.21 -19.51 21.48
N TYR C 19 2.36 -19.61 22.50
CA TYR C 19 0.91 -19.60 22.31
C TYR C 19 0.14 -19.14 23.55
N ILE C 20 -1.14 -18.88 23.34
CA ILE C 20 -2.08 -18.59 24.40
C ILE C 20 -2.94 -19.84 24.63
N ASP C 21 -3.01 -20.28 25.88
CA ASP C 21 -3.75 -21.50 26.19
C ASP C 21 -5.24 -21.23 26.43
N SER C 22 -5.94 -22.29 26.83
CA SER C 22 -7.37 -22.24 27.09
C SER C 22 -7.71 -21.42 28.33
N ASN C 23 -6.70 -20.80 28.94
CA ASN C 23 -6.95 -19.90 30.08
C ASN C 23 -6.40 -18.48 29.88
N GLY C 24 -5.99 -18.16 28.64
CA GLY C 24 -5.42 -16.86 28.31
C GLY C 24 -3.99 -16.63 28.80
N ARG C 25 -3.25 -17.72 29.03
CA ARG C 25 -1.92 -17.64 29.59
C ARG C 25 -0.91 -17.88 28.48
N GLU C 26 0.16 -17.08 28.47
CA GLU C 26 1.22 -17.30 27.50
C GLU C 26 2.14 -18.45 27.91
N ARG C 27 2.36 -19.38 26.97
CA ARG C 27 3.16 -20.58 27.19
C ARG C 27 4.10 -20.81 26.03
N THR C 28 5.24 -21.44 26.30
CA THR C 28 6.15 -21.92 25.25
C THR C 28 6.30 -23.45 25.36
N ARG C 29 6.52 -24.10 24.23
CA ARG C 29 6.85 -25.52 24.19
C ARG C 29 7.76 -25.82 23.02
N GLU C 30 8.66 -26.77 23.19
CA GLU C 30 9.48 -27.31 22.11
C GLU C 30 8.92 -28.69 21.77
N VAL C 31 8.60 -28.92 20.50
CA VAL C 31 8.00 -30.19 20.08
C VAL C 31 8.87 -30.88 19.02
N GLU C 32 9.17 -32.17 19.26
CA GLU C 32 9.84 -33.00 18.26
C GLU C 32 8.81 -33.44 17.22
N TYR C 33 8.43 -32.49 16.37
CA TYR C 33 7.32 -32.67 15.46
C TYR C 33 7.60 -33.78 14.43
N LYS C 34 6.59 -34.61 14.21
CA LYS C 34 6.68 -35.75 13.29
C LYS C 34 5.88 -35.46 12.02
N PRO C 35 6.57 -34.97 10.97
CA PRO C 35 5.91 -34.54 9.75
C PRO C 35 5.57 -35.71 8.83
N SER C 36 4.70 -35.44 7.87
CA SER C 36 4.10 -36.50 7.08
C SER C 36 4.05 -36.03 5.65
N LEU C 37 4.70 -36.78 4.77
CA LEU C 37 4.64 -36.47 3.34
C LEU C 37 4.02 -37.63 2.57
N PHE C 38 3.99 -37.51 1.25
CA PHE C 38 3.18 -38.39 0.43
C PHE C 38 3.86 -38.74 -0.87
N ALA C 39 3.67 -39.97 -1.32
CA ALA C 39 4.19 -40.40 -2.61
C ALA C 39 3.10 -41.15 -3.36
N HIS C 40 3.08 -41.02 -4.68
CA HIS C 40 2.14 -41.79 -5.50
C HIS C 40 2.34 -43.28 -5.34
N CYS C 41 1.25 -44.03 -5.37
CA CYS C 41 1.30 -45.49 -5.34
C CYS C 41 0.22 -46.07 -6.28
N PRO C 42 0.28 -47.38 -6.57
CA PRO C 42 -0.64 -48.01 -7.56
C PRO C 42 -2.13 -47.86 -7.22
N GLU C 43 -2.94 -47.77 -8.28
CA GLU C 43 -4.39 -47.52 -8.18
C GLU C 43 -5.06 -48.49 -7.22
N SER C 44 -4.66 -49.76 -7.32
CA SER C 44 -5.17 -50.86 -6.48
C SER C 44 -5.01 -50.55 -5.00
N GLN C 45 -3.81 -50.09 -4.64
CA GLN C 45 -3.48 -49.72 -3.25
C GLN C 45 -4.48 -48.69 -2.75
N ALA C 46 -5.32 -49.13 -1.81
CA ALA C 46 -6.46 -48.35 -1.30
C ALA C 46 -6.11 -47.61 -0.01
N THR C 47 -6.09 -46.28 -0.09
CA THR C 47 -5.93 -45.41 1.08
C THR C 47 -7.00 -44.30 1.10
N LYS C 48 -6.85 -43.31 1.97
CA LYS C 48 -7.79 -42.20 2.02
C LYS C 48 -7.18 -40.86 1.62
N TYR C 49 -5.94 -40.91 1.12
CA TYR C 49 -5.21 -39.72 0.64
C TYR C 49 -5.05 -39.70 -0.87
N PHE C 50 -5.61 -38.66 -1.49
CA PHE C 50 -5.46 -38.46 -2.93
C PHE C 50 -4.89 -37.07 -3.22
N ASP C 51 -4.05 -36.98 -4.25
CA ASP C 51 -3.52 -35.70 -4.70
C ASP C 51 -4.64 -34.91 -5.39
N ILE C 52 -4.36 -33.70 -5.86
CA ILE C 52 -5.46 -32.86 -6.34
C ILE C 52 -6.12 -33.39 -7.62
N TYR C 53 -5.40 -34.19 -8.39
CA TYR C 53 -5.96 -34.68 -9.64
C TYR C 53 -6.80 -35.93 -9.45
N GLY C 54 -6.64 -36.56 -8.29
CA GLY C 54 -7.40 -37.76 -7.92
C GLY C 54 -6.56 -39.01 -7.97
N LYS C 55 -5.26 -38.84 -8.18
CA LYS C 55 -4.30 -39.95 -8.19
C LYS C 55 -3.95 -40.32 -6.75
N PRO C 56 -3.86 -41.63 -6.45
CA PRO C 56 -3.72 -42.10 -5.06
C PRO C 56 -2.33 -41.88 -4.49
N CYS C 57 -2.26 -41.53 -3.21
CA CYS C 57 -0.98 -41.32 -2.54
C CYS C 57 -0.83 -42.16 -1.29
N THR C 58 0.40 -42.45 -0.92
CA THR C 58 0.66 -43.11 0.38
C THR C 58 1.35 -42.15 1.36
N ARG C 59 0.88 -42.18 2.60
CA ARG C 59 1.40 -41.31 3.64
C ARG C 59 2.68 -41.88 4.21
N LYS C 60 3.66 -41.03 4.46
CA LYS C 60 4.91 -41.45 5.10
C LYS C 60 5.22 -40.58 6.31
N LEU C 61 5.21 -41.20 7.48
CA LEU C 61 5.50 -40.52 8.74
C LEU C 61 7.01 -40.55 8.97
N PHE C 62 7.56 -39.42 9.41
CA PHE C 62 9.00 -39.30 9.67
C PHE C 62 9.29 -39.07 11.14
N ALA C 63 10.34 -39.70 11.64
CA ALA C 63 10.69 -39.67 13.07
C ALA C 63 11.12 -38.28 13.53
N ASN C 64 11.67 -37.50 12.61
CA ASN C 64 12.07 -36.12 12.88
C ASN C 64 11.97 -35.30 11.59
N MET C 65 12.13 -33.98 11.68
CA MET C 65 11.97 -33.12 10.52
C MET C 65 13.10 -33.21 9.50
N ARG C 66 14.32 -33.51 9.97
CA ARG C 66 15.43 -33.75 9.07
C ARG C 66 15.17 -34.93 8.13
N ASP C 67 14.71 -36.04 8.69
CA ASP C 67 14.34 -37.23 7.92
C ASP C 67 13.41 -36.90 6.76
N ALA C 68 12.43 -36.04 7.02
CA ALA C 68 11.47 -35.63 6.00
C ALA C 68 12.12 -34.85 4.83
N SER C 69 13.04 -33.93 5.16
CA SER C 69 13.76 -33.17 4.14
C SER C 69 14.67 -34.03 3.30
N GLN C 70 15.42 -34.92 3.97
CA GLN C 70 16.32 -35.84 3.31
C GLN C 70 15.57 -36.68 2.28
N TRP C 71 14.37 -37.11 2.64
CA TRP C 71 13.51 -37.88 1.75
C TRP C 71 13.12 -37.07 0.51
N ILE C 72 12.65 -35.84 0.71
CA ILE C 72 12.34 -34.91 -0.40
C ILE C 72 13.51 -34.85 -1.38
N LYS C 73 14.71 -34.67 -0.82
CA LYS C 73 15.96 -34.60 -1.58
C LYS C 73 16.20 -35.90 -2.34
N ARG C 74 16.14 -37.02 -1.62
CA ARG C 74 16.28 -38.35 -2.20
C ARG C 74 15.28 -38.62 -3.34
N MET C 75 14.07 -38.05 -3.23
CA MET C 75 13.04 -38.22 -4.25
C MET C 75 13.32 -37.40 -5.50
N GLU C 76 13.94 -36.24 -5.32
CA GLU C 76 14.43 -35.43 -6.45
C GLU C 76 15.64 -36.12 -7.07
N ASP C 77 16.51 -36.66 -6.21
CA ASP C 77 17.62 -37.54 -6.59
C ASP C 77 17.14 -38.81 -7.33
N ILE C 78 15.82 -39.01 -7.41
CA ILE C 78 15.23 -40.14 -8.13
C ILE C 78 14.40 -39.66 -9.32
N GLY C 79 13.62 -38.60 -9.13
CA GLY C 79 12.81 -38.07 -10.23
C GLY C 79 11.30 -38.27 -10.09
N LEU C 80 10.85 -38.61 -8.88
CA LEU C 80 9.42 -38.79 -8.61
C LEU C 80 8.93 -37.71 -7.65
N GLU C 81 7.69 -37.26 -7.88
CA GLU C 81 7.08 -36.22 -7.08
C GLU C 81 7.08 -36.54 -5.58
N ALA C 82 7.59 -35.60 -4.78
CA ALA C 82 7.54 -35.73 -3.32
C ALA C 82 6.47 -34.77 -2.80
N LEU C 83 5.32 -35.32 -2.43
CA LEU C 83 4.12 -34.52 -2.22
C LEU C 83 3.89 -34.16 -0.75
N GLY C 84 3.24 -33.02 -0.52
CA GLY C 84 2.90 -32.56 0.83
C GLY C 84 3.49 -31.20 1.15
N MET C 85 3.07 -30.64 2.28
CA MET C 85 3.56 -29.36 2.78
C MET C 85 5.00 -29.53 3.31
N ASP C 86 5.96 -28.99 2.56
CA ASP C 86 7.38 -29.12 2.89
C ASP C 86 7.86 -28.13 3.93
N ASP C 87 7.15 -27.01 4.03
CA ASP C 87 7.39 -26.05 5.10
C ASP C 87 6.68 -26.60 6.32
N PHE C 88 7.45 -27.14 7.26
CA PHE C 88 6.88 -27.89 8.37
C PHE C 88 6.16 -27.04 9.42
N LYS C 89 6.50 -25.76 9.49
CA LYS C 89 5.82 -24.84 10.42
C LYS C 89 4.33 -24.77 10.10
N LEU C 90 4.03 -24.63 8.81
CA LEU C 90 2.65 -24.51 8.34
C LEU C 90 1.86 -25.80 8.61
N ALA C 91 2.51 -26.94 8.42
CA ALA C 91 1.86 -28.23 8.63
C ALA C 91 1.59 -28.40 10.14
N TYR C 92 2.57 -28.03 10.96
CA TYR C 92 2.41 -28.03 12.40
C TYR C 92 1.24 -27.14 12.84
N LEU C 93 1.23 -25.90 12.35
CA LEU C 93 0.14 -24.98 12.67
C LEU C 93 -1.21 -25.60 12.27
N SER C 94 -1.26 -26.13 11.04
CA SER C 94 -2.43 -26.83 10.50
C SER C 94 -2.87 -28.00 11.38
N ASP C 95 -1.90 -28.77 11.86
CA ASP C 95 -2.18 -29.90 12.74
C ASP C 95 -2.68 -29.42 14.09
N THR C 96 -1.93 -28.52 14.72
CA THR C 96 -2.20 -28.06 16.08
C THR C 96 -3.50 -27.18 16.21
N TYR C 97 -3.97 -26.62 15.09
CA TYR C 97 -5.13 -25.72 15.09
C TYR C 97 -6.13 -26.08 13.99
N ASN C 98 -6.74 -27.25 14.10
CA ASN C 98 -7.71 -27.78 13.13
C ASN C 98 -9.08 -27.07 13.12
N TYR C 99 -9.07 -25.78 13.42
CA TYR C 99 -10.30 -25.00 13.54
C TYR C 99 -10.03 -23.56 13.13
N GLU C 100 -11.10 -22.77 13.02
CA GLU C 100 -10.99 -21.36 12.63
C GLU C 100 -10.53 -20.55 13.84
N ILE C 101 -9.35 -19.95 13.73
CA ILE C 101 -8.72 -19.27 14.86
C ILE C 101 -9.43 -17.97 15.20
N LYS C 102 -9.89 -17.86 16.45
CA LYS C 102 -10.41 -16.62 17.00
C LYS C 102 -9.48 -16.19 18.12
N TYR C 103 -8.71 -15.15 17.83
CA TYR C 103 -7.66 -14.71 18.73
C TYR C 103 -8.14 -13.56 19.59
N ASP C 104 -7.41 -13.31 20.68
CA ASP C 104 -7.66 -12.16 21.54
C ASP C 104 -6.43 -11.28 21.49
N HIS C 105 -6.57 -10.10 20.89
CA HIS C 105 -5.44 -9.21 20.69
C HIS C 105 -4.89 -8.67 22.01
N THR C 106 -5.76 -8.52 23.00
CA THR C 106 -5.35 -8.03 24.32
C THR C 106 -4.42 -9.03 25.01
N LYS C 107 -4.29 -10.22 24.42
CA LYS C 107 -3.44 -11.26 24.96
C LYS C 107 -2.12 -11.33 24.22
N ILE C 108 -2.04 -10.60 23.10
CA ILE C 108 -0.86 -10.58 22.23
C ILE C 108 0.04 -9.40 22.63
N ARG C 109 1.31 -9.67 22.87
CA ARG C 109 2.20 -8.60 23.31
C ARG C 109 2.85 -7.92 22.11
N VAL C 110 2.30 -6.76 21.73
CA VAL C 110 2.89 -5.98 20.67
C VAL C 110 3.78 -4.92 21.30
N ALA C 111 5.06 -4.94 20.92
CA ALA C 111 5.99 -3.95 21.43
C ALA C 111 6.34 -2.99 20.33
N ASN C 112 6.33 -1.72 20.69
CA ASN C 112 6.57 -0.60 19.80
C ASN C 112 7.77 0.11 20.39
N PHE C 113 8.88 0.21 19.65
CA PHE C 113 10.08 0.83 20.26
C PHE C 113 11.03 1.61 19.35
N ASP C 114 11.90 2.36 20.00
CA ASP C 114 12.80 3.26 19.31
C ASP C 114 14.01 3.51 20.18
N ILE C 115 15.15 3.78 19.55
CA ILE C 115 16.36 4.04 20.31
C ILE C 115 17.06 5.30 19.80
N GLU C 116 17.88 5.88 20.66
CA GLU C 116 18.74 6.99 20.24
C GLU C 116 20.21 6.64 20.39
N VAL C 117 21.01 7.04 19.41
CA VAL C 117 22.46 6.89 19.47
C VAL C 117 23.11 8.23 19.09
N THR C 118 23.67 8.94 20.06
CA THR C 118 24.51 10.11 19.75
C THR C 118 25.74 9.65 18.96
N SER C 119 26.01 10.35 17.86
CA SER C 119 27.09 9.99 16.96
C SER C 119 27.58 11.23 16.22
N PRO C 120 28.79 11.71 16.58
CA PRO C 120 29.45 12.76 15.82
C PRO C 120 30.32 12.21 14.69
N ASP C 121 30.06 10.97 14.27
CA ASP C 121 30.83 10.30 13.23
C ASP C 121 30.07 10.16 11.92
N GLY C 122 28.91 10.83 11.84
CA GLY C 122 27.97 10.55 10.76
C GLY C 122 27.13 9.37 11.21
N PHE C 123 26.19 8.94 10.38
CA PHE C 123 25.22 7.92 10.77
C PHE C 123 25.87 6.73 11.49
N PRO C 124 25.34 6.36 12.66
CA PRO C 124 25.91 5.26 13.46
C PRO C 124 25.51 3.90 12.89
N GLU C 125 26.49 3.17 12.37
CA GLU C 125 26.24 1.92 11.66
C GLU C 125 25.92 0.77 12.62
N PRO C 126 24.75 0.14 12.46
CA PRO C 126 24.32 -1.01 13.28
C PRO C 126 25.30 -2.20 13.26
N SER C 127 25.87 -2.49 12.08
CA SER C 127 26.82 -3.59 11.95
C SER C 127 28.01 -3.39 12.88
N GLN C 128 28.43 -2.14 13.04
CA GLN C 128 29.59 -1.77 13.86
C GLN C 128 29.20 -1.48 15.31
N ALA C 129 28.17 -0.65 15.50
CA ALA C 129 27.67 -0.24 16.83
C ALA C 129 28.76 0.38 17.73
N LYS C 130 29.48 1.36 17.19
CA LYS C 130 30.64 1.94 17.84
C LYS C 130 30.25 2.83 19.01
N HIS C 131 29.11 3.49 18.86
CA HIS C 131 28.66 4.49 19.81
C HIS C 131 27.63 3.95 20.81
N PRO C 132 27.61 4.50 22.03
CA PRO C 132 26.61 4.10 23.04
C PRO C 132 25.16 4.37 22.63
N ILE C 133 24.28 3.44 22.99
CA ILE C 133 22.83 3.63 22.96
C ILE C 133 22.52 4.50 24.17
N ASP C 134 21.84 5.63 23.96
CA ASP C 134 21.64 6.55 25.08
C ASP C 134 20.18 6.86 25.44
N ALA C 135 19.25 6.20 24.75
CA ALA C 135 17.83 6.25 25.11
C ALA C 135 17.06 5.13 24.44
N ILE C 136 16.15 4.52 25.20
CA ILE C 136 15.25 3.53 24.67
C ILE C 136 13.84 3.79 25.18
N THR C 137 12.91 4.09 24.27
CA THR C 137 11.50 4.09 24.63
C THR C 137 10.82 2.86 24.02
N HIS C 138 10.12 2.13 24.87
CA HIS C 138 9.60 0.83 24.53
C HIS C 138 8.20 0.79 25.08
N TYR C 139 7.24 0.77 24.17
CA TYR C 139 5.86 0.71 24.59
C TYR C 139 5.40 -0.75 24.57
N ASP C 140 4.64 -1.16 25.60
CA ASP C 140 4.11 -2.52 25.72
C ASP C 140 2.58 -2.47 25.66
N SER C 141 1.99 -3.15 24.67
CA SER C 141 0.54 -3.12 24.48
C SER C 141 -0.26 -3.75 25.61
N ILE C 142 0.30 -4.73 26.31
CA ILE C 142 -0.39 -5.38 27.42
C ILE C 142 -0.42 -4.46 28.66
N ASP C 143 0.74 -3.89 29.02
CA ASP C 143 0.87 -3.01 30.17
C ASP C 143 0.26 -1.64 29.92
N ASP C 144 0.13 -1.28 28.64
CA ASP C 144 -0.28 0.06 28.18
C ASP C 144 0.68 1.14 28.70
N ARG C 145 1.98 0.83 28.68
CA ARG C 145 3.01 1.68 29.28
C ARG C 145 4.17 1.98 28.34
N PHE C 146 4.68 3.20 28.43
CA PHE C 146 5.88 3.58 27.72
C PHE C 146 7.04 3.40 28.67
N TYR C 147 7.90 2.43 28.41
CA TYR C 147 9.08 2.25 29.26
C TYR C 147 10.27 3.03 28.70
N VAL C 148 10.78 3.97 29.49
CA VAL C 148 11.84 4.86 29.04
C VAL C 148 13.15 4.56 29.75
N PHE C 149 14.17 4.21 28.98
CA PHE C 149 15.50 3.92 29.50
C PHE C 149 16.44 5.03 29.07
N ASP C 150 17.00 5.74 30.04
CA ASP C 150 17.73 6.97 29.77
C ASP C 150 19.13 6.96 30.38
N LEU C 151 20.15 6.98 29.51
CA LEU C 151 21.54 7.07 29.94
C LEU C 151 21.92 8.51 30.29
N LEU C 152 22.48 8.74 31.48
CA LEU C 152 22.90 10.08 31.89
C LEU C 152 24.39 10.37 31.67
N ASN C 153 25.21 9.31 31.66
CA ASN C 153 26.66 9.44 31.47
C ASN C 153 27.20 8.69 30.26
N SER C 154 27.97 9.41 29.43
CA SER C 154 28.57 8.84 28.25
C SER C 154 29.74 9.68 27.77
N PRO C 155 30.66 9.07 27.00
CA PRO C 155 31.76 9.77 26.34
C PRO C 155 31.39 11.11 25.72
N TYR C 156 30.13 11.27 25.33
CA TYR C 156 29.66 12.49 24.65
C TYR C 156 28.76 13.32 25.56
N GLY C 157 29.24 13.61 26.77
CA GLY C 157 28.54 14.50 27.70
C GLY C 157 27.75 13.81 28.80
N ASN C 158 27.53 14.55 29.89
CA ASN C 158 26.78 14.05 31.03
C ASN C 158 25.58 14.94 31.30
N VAL C 159 24.43 14.34 31.58
CA VAL C 159 23.17 15.10 31.57
C VAL C 159 22.24 14.86 32.75
N GLU C 160 21.46 15.88 33.08
CA GLU C 160 20.52 15.81 34.19
C GLU C 160 19.32 14.97 33.78
N GLU C 161 18.67 14.33 34.75
CA GLU C 161 17.48 13.51 34.48
C GLU C 161 16.45 14.26 33.65
N TRP C 162 15.64 13.50 32.91
CA TRP C 162 14.50 14.04 32.18
C TRP C 162 13.39 14.42 33.17
N SER C 163 12.70 15.53 32.89
CA SER C 163 11.62 15.98 33.75
C SER C 163 10.26 15.86 33.07
N ILE C 164 9.41 15.01 33.63
CA ILE C 164 8.07 14.79 33.09
C ILE C 164 7.14 15.99 33.28
N GLU C 165 7.44 16.81 34.28
CA GLU C 165 6.69 18.05 34.53
C GLU C 165 6.93 19.03 33.40
N ILE C 166 8.19 19.11 32.96
CA ILE C 166 8.60 20.00 31.88
C ILE C 166 8.16 19.44 30.52
N ALA C 167 8.33 18.13 30.35
CA ALA C 167 7.94 17.46 29.13
C ALA C 167 6.49 17.75 28.77
N ALA C 168 5.63 17.78 29.80
CA ALA C 168 4.19 17.95 29.64
C ALA C 168 3.81 19.37 29.25
N LYS C 169 4.63 20.33 29.63
CA LYS C 169 4.32 21.75 29.42
C LYS C 169 4.36 22.12 27.94
N LEU C 170 3.69 23.22 27.59
CA LEU C 170 3.69 23.75 26.22
C LEU C 170 5.09 24.01 25.68
N GLN C 171 5.25 23.87 24.37
CA GLN C 171 6.46 24.33 23.70
C GLN C 171 6.60 25.80 24.06
N GLU C 172 5.53 26.53 23.78
CA GLU C 172 5.40 27.96 24.03
C GLU C 172 5.67 28.35 25.47
N GLN C 173 5.97 27.37 26.31
CA GLN C 173 6.25 27.60 27.72
C GLN C 173 7.56 26.93 28.14
N GLY C 174 8.36 26.56 27.15
CA GLY C 174 9.67 25.97 27.40
C GLY C 174 9.64 24.49 27.70
N GLY C 175 8.47 23.88 27.55
CA GLY C 175 8.30 22.45 27.74
C GLY C 175 8.38 21.72 26.41
N ASP C 176 8.05 20.44 26.41
CA ASP C 176 8.18 19.65 25.19
C ASP C 176 6.86 19.28 24.55
N GLU C 177 5.75 19.46 25.27
CA GLU C 177 4.40 19.17 24.77
C GLU C 177 4.19 17.68 24.48
N VAL C 178 4.69 16.81 25.36
CA VAL C 178 4.35 15.40 25.32
C VAL C 178 2.86 15.27 25.69
N PRO C 179 2.06 14.62 24.83
CA PRO C 179 0.57 14.55 25.00
C PRO C 179 0.07 14.09 26.37
N SER C 180 -1.03 14.69 26.84
CA SER C 180 -1.59 14.40 28.16
C SER C 180 -1.93 12.93 28.28
N GLU C 181 -2.63 12.42 27.26
CA GLU C 181 -3.12 11.05 27.28
C GLU C 181 -2.01 9.98 27.38
N ILE C 182 -0.74 10.38 27.36
CA ILE C 182 0.34 9.42 27.61
C ILE C 182 1.27 9.78 28.78
N ILE C 183 1.13 11.02 29.27
CA ILE C 183 1.91 11.49 30.43
C ILE C 183 1.86 10.47 31.57
N ASP C 184 0.65 10.04 31.92
CA ASP C 184 0.43 9.04 32.98
C ASP C 184 0.85 7.61 32.63
N LYS C 185 1.32 7.38 31.41
CA LYS C 185 1.68 6.02 31.00
C LYS C 185 3.20 5.84 30.84
N ILE C 186 3.96 6.85 31.23
CA ILE C 186 5.43 6.79 31.13
C ILE C 186 6.05 6.14 32.35
N ILE C 187 6.90 5.15 32.15
CA ILE C 187 7.74 4.66 33.24
C ILE C 187 9.18 5.08 32.96
N TYR C 188 9.68 6.03 33.76
CA TYR C 188 11.01 6.61 33.56
C TYR C 188 12.11 5.96 34.37
N MET C 189 13.21 5.58 33.71
CA MET C 189 14.31 4.88 34.36
C MET C 189 15.67 5.47 33.99
N PRO C 190 16.22 6.36 34.85
CA PRO C 190 17.55 6.92 34.59
C PRO C 190 18.63 5.88 34.87
N PHE C 191 19.77 5.98 34.18
CA PHE C 191 20.87 5.02 34.32
C PHE C 191 22.21 5.70 34.43
N ASP C 192 22.98 5.25 35.43
CA ASP C 192 24.31 5.78 35.68
C ASP C 192 25.22 5.50 34.50
N ASN C 193 25.12 4.28 33.98
CA ASN C 193 25.99 3.84 32.90
C ASN C 193 25.27 2.95 31.89
N GLU C 194 25.84 2.87 30.70
CA GLU C 194 25.30 2.10 29.59
C GLU C 194 25.21 0.60 29.89
N LYS C 195 26.25 0.06 30.54
CA LYS C 195 26.23 -1.34 30.96
C LYS C 195 24.89 -1.65 31.62
N GLU C 196 24.59 -0.97 32.72
CA GLU C 196 23.35 -1.20 33.47
C GLU C 196 22.09 -0.93 32.65
N LEU C 197 22.12 0.13 31.85
CA LEU C 197 21.03 0.46 30.90
C LEU C 197 20.66 -0.80 30.10
N LEU C 198 21.68 -1.38 29.46
CA LEU C 198 21.49 -2.51 28.55
C LEU C 198 21.09 -3.76 29.31
N MET C 199 21.79 -3.99 30.43
CA MET C 199 21.59 -5.16 31.25
C MET C 199 20.15 -5.15 31.76
N GLU C 200 19.71 -3.99 32.26
CA GLU C 200 18.33 -3.80 32.69
C GLU C 200 17.32 -4.01 31.56
N TYR C 201 17.57 -3.42 30.40
CA TYR C 201 16.69 -3.61 29.24
C TYR C 201 16.50 -5.08 28.86
N LEU C 202 17.56 -5.87 28.93
CA LEU C 202 17.46 -7.29 28.62
C LEU C 202 16.54 -8.02 29.59
N ASN C 203 16.72 -7.77 30.87
CA ASN C 203 15.90 -8.41 31.89
C ASN C 203 14.44 -8.01 31.72
N PHE C 204 14.24 -6.78 31.26
CA PHE C 204 12.93 -6.24 30.95
C PHE C 204 12.35 -6.98 29.73
N TRP C 205 13.20 -7.15 28.70
CA TRP C 205 12.83 -7.90 27.51
C TRP C 205 12.41 -9.32 27.86
N GLN C 206 13.11 -9.92 28.80
CA GLN C 206 12.81 -11.27 29.28
C GLN C 206 11.40 -11.37 29.86
N GLN C 207 11.04 -10.45 30.77
CA GLN C 207 9.74 -10.48 31.46
C GLN C 207 8.57 -10.01 30.57
N LYS C 208 8.82 -9.07 29.67
CA LYS C 208 7.81 -8.64 28.69
C LYS C 208 8.29 -8.91 27.26
N THR C 209 8.47 -10.18 26.90
CA THR C 209 9.04 -10.54 25.60
C THR C 209 8.03 -10.29 24.47
N PRO C 210 8.38 -9.42 23.52
CA PRO C 210 7.47 -9.09 22.41
C PRO C 210 7.10 -10.30 21.55
N VAL C 211 5.83 -10.38 21.17
CA VAL C 211 5.41 -11.33 20.15
C VAL C 211 5.46 -10.63 18.80
N ILE C 212 4.76 -9.50 18.72
CA ILE C 212 4.83 -8.65 17.56
C ILE C 212 5.78 -7.51 17.95
N LEU C 213 6.82 -7.33 17.14
CA LEU C 213 7.83 -6.29 17.39
C LEU C 213 7.78 -5.24 16.29
N THR C 214 7.49 -4.00 16.65
CA THR C 214 7.35 -2.97 15.62
C THR C 214 7.98 -1.64 16.01
N GLY C 215 7.84 -0.67 15.11
CA GLY C 215 8.42 0.66 15.28
C GLY C 215 8.81 1.19 13.93
N TRP C 216 9.56 2.29 13.91
CA TRP C 216 9.90 2.94 12.65
C TRP C 216 11.34 2.62 12.22
N ASN C 217 11.50 1.90 11.11
CA ASN C 217 12.83 1.55 10.58
C ASN C 217 13.58 0.56 11.49
N VAL C 218 12.80 -0.10 12.33
CA VAL C 218 13.28 -0.82 13.48
C VAL C 218 14.12 -2.04 13.03
N GLU C 219 13.86 -2.50 11.81
CA GLU C 219 14.55 -3.65 11.30
C GLU C 219 15.89 -3.34 10.61
N SER C 220 16.05 -2.11 10.14
CA SER C 220 17.30 -1.70 9.50
C SER C 220 18.21 -1.04 10.50
N PHE C 221 17.64 -0.50 11.57
CA PHE C 221 18.43 0.23 12.54
C PHE C 221 18.31 -0.22 14.03
N ASP C 222 17.16 -0.03 14.66
CA ASP C 222 17.09 -0.25 16.12
C ASP C 222 17.46 -1.68 16.51
N ILE C 223 16.81 -2.65 15.89
CA ILE C 223 17.04 -4.05 16.23
C ILE C 223 18.50 -4.43 16.01
N PRO C 224 19.01 -4.26 14.77
CA PRO C 224 20.42 -4.53 14.51
C PRO C 224 21.36 -3.81 15.46
N TYR C 225 21.14 -2.50 15.68
CA TYR C 225 22.02 -1.72 16.55
C TYR C 225 22.05 -2.24 18.00
N VAL C 226 20.89 -2.46 18.60
CA VAL C 226 20.84 -2.98 19.97
C VAL C 226 21.44 -4.39 20.05
N TYR C 227 21.20 -5.21 19.04
CA TYR C 227 21.77 -6.55 19.01
C TYR C 227 23.29 -6.47 19.02
N ASN C 228 23.83 -5.67 18.11
CA ASN C 228 25.27 -5.56 17.95
C ASN C 228 25.97 -4.84 19.10
N ARG C 229 25.31 -3.82 19.66
CA ARG C 229 25.86 -3.13 20.81
C ARG C 229 26.03 -4.09 21.98
N ILE C 230 25.00 -4.90 22.27
CA ILE C 230 25.06 -5.90 23.33
C ILE C 230 26.11 -6.97 23.00
N LYS C 231 26.15 -7.41 21.74
CA LYS C 231 27.13 -8.39 21.27
C LYS C 231 28.56 -7.88 21.48
N ASN C 232 28.82 -6.61 21.17
CA ASN C 232 30.14 -6.00 21.34
C ASN C 232 30.52 -5.84 22.82
N ILE C 233 29.52 -5.73 23.68
CA ILE C 233 29.78 -5.44 25.08
C ILE C 233 29.76 -6.67 25.98
N PHE C 234 28.70 -7.48 25.89
CA PHE C 234 28.54 -8.65 26.77
C PHE C 234 28.82 -9.99 26.08
N GLY C 235 28.96 -9.96 24.76
CA GLY C 235 29.17 -11.18 23.99
C GLY C 235 27.89 -11.63 23.29
N GLU C 236 28.04 -12.44 22.25
CA GLU C 236 26.91 -12.87 21.43
C GLU C 236 25.91 -13.77 22.15
N SER C 237 26.36 -14.43 23.21
CA SER C 237 25.50 -15.28 24.03
C SER C 237 24.43 -14.47 24.79
N THR C 238 24.85 -13.35 25.38
CA THR C 238 23.93 -12.44 26.05
C THR C 238 22.98 -11.83 25.03
N ALA C 239 23.56 -11.30 23.94
CA ALA C 239 22.78 -10.70 22.85
C ALA C 239 21.67 -11.63 22.37
N LYS C 240 21.91 -12.92 22.44
CA LYS C 240 20.93 -13.91 22.02
C LYS C 240 19.69 -13.98 22.92
N ARG C 241 19.72 -13.28 24.06
CA ARG C 241 18.54 -13.19 24.93
C ARG C 241 17.37 -12.43 24.28
N LEU C 242 17.66 -11.62 23.26
CA LEU C 242 16.61 -10.94 22.53
C LEU C 242 15.66 -11.90 21.80
N SER C 243 16.15 -13.12 21.52
CA SER C 243 15.30 -14.23 21.08
C SER C 243 14.88 -15.10 22.27
N PRO C 244 13.55 -15.28 22.46
CA PRO C 244 13.01 -16.17 23.50
C PRO C 244 13.61 -17.59 23.51
N HIS C 245 14.10 -18.06 22.36
CA HIS C 245 14.69 -19.39 22.24
C HIS C 245 16.21 -19.34 22.18
N ARG C 246 16.78 -18.13 22.21
CA ARG C 246 18.23 -17.93 22.15
C ARG C 246 18.85 -18.17 20.75
N LYS C 247 18.05 -18.28 19.71
CA LYS C 247 18.58 -18.43 18.35
C LYS C 247 18.39 -17.21 17.45
N THR C 248 19.48 -16.77 16.83
CA THR C 248 19.43 -15.67 15.90
C THR C 248 20.21 -15.96 14.62
N ARG C 249 19.61 -15.67 13.48
CA ARG C 249 20.31 -15.72 12.21
C ARG C 249 20.76 -14.31 11.86
N VAL C 250 21.98 -14.19 11.36
CA VAL C 250 22.57 -12.91 10.97
C VAL C 250 22.85 -12.91 9.47
N LYS C 251 21.97 -12.26 8.70
CA LYS C 251 22.14 -12.14 7.24
C LYS C 251 23.11 -10.99 6.94
N VAL C 252 24.33 -11.36 6.57
CA VAL C 252 25.42 -10.41 6.37
C VAL C 252 25.21 -9.46 5.18
N ILE C 253 24.77 -9.99 4.04
CA ILE C 253 24.47 -9.22 2.81
C ILE C 253 24.86 -7.72 2.83
N GLU C 254 26.03 -7.44 2.25
CA GLU C 254 26.60 -6.09 2.23
C GLU C 254 26.21 -5.29 0.97
N ASN C 255 27.20 -4.55 0.46
CA ASN C 255 27.07 -3.64 -0.69
C ASN C 255 28.47 -3.08 -0.94
N MET C 256 28.64 -2.20 -1.93
CA MET C 256 29.95 -1.57 -2.15
C MET C 256 30.29 -0.58 -1.02
N TYR C 257 29.27 0.12 -0.53
CA TYR C 257 29.47 1.22 0.43
C TYR C 257 29.45 0.80 1.91
N GLY C 258 30.15 -0.28 2.23
CA GLY C 258 30.27 -0.76 3.61
C GLY C 258 29.47 -2.02 3.90
N SER C 259 28.92 -2.11 5.10
CA SER C 259 28.28 -3.32 5.59
C SER C 259 26.94 -3.06 6.29
N ARG C 260 25.84 -3.43 5.62
CA ARG C 260 24.51 -3.43 6.24
C ARG C 260 24.09 -4.85 6.62
N GLU C 261 23.35 -4.98 7.72
CA GLU C 261 23.12 -6.26 8.39
C GLU C 261 21.66 -6.42 8.82
N ILE C 262 21.05 -7.56 8.49
CA ILE C 262 19.71 -7.84 9.03
C ILE C 262 19.67 -9.06 9.97
N ILE C 263 19.18 -8.83 11.18
CA ILE C 263 19.09 -9.88 12.19
C ILE C 263 17.68 -10.50 12.26
N THR C 264 17.62 -11.83 12.34
CA THR C 264 16.38 -12.53 12.55
C THR C 264 16.31 -12.97 14.00
N LEU C 265 15.29 -12.54 14.72
CA LEU C 265 15.09 -12.99 16.10
C LEU C 265 14.02 -14.08 16.17
N PHE C 266 14.47 -15.34 16.23
CA PHE C 266 13.57 -16.50 16.30
C PHE C 266 12.65 -16.43 17.52
N GLY C 267 11.36 -16.72 17.29
CA GLY C 267 10.34 -16.62 18.33
C GLY C 267 9.62 -15.27 18.36
N ILE C 268 10.16 -14.30 17.63
CA ILE C 268 9.52 -13.00 17.54
C ILE C 268 9.08 -12.75 16.10
N SER C 269 7.91 -12.14 15.95
CA SER C 269 7.46 -11.70 14.65
C SER C 269 7.73 -10.20 14.56
N VAL C 270 8.82 -9.83 13.87
CA VAL C 270 9.16 -8.44 13.62
C VAL C 270 8.37 -7.89 12.43
N LEU C 271 7.60 -6.82 12.68
CA LEU C 271 6.86 -6.09 11.64
C LEU C 271 7.21 -4.60 11.68
N ASP C 272 8.27 -4.26 10.97
CA ASP C 272 8.72 -2.88 10.85
C ASP C 272 7.57 -2.03 10.26
N TYR C 273 7.25 -0.90 10.91
CA TYR C 273 6.09 -0.14 10.47
C TYR C 273 6.29 0.48 9.10
N ILE C 274 7.52 0.79 8.76
CA ILE C 274 7.78 1.33 7.45
C ILE C 274 7.36 0.30 6.37
N ASP C 275 7.68 -0.98 6.61
CA ASP C 275 7.27 -2.03 5.69
C ASP C 275 5.76 -2.25 5.69
N LEU C 276 5.14 -2.22 6.87
CA LEU C 276 3.67 -2.24 6.92
C LEU C 276 3.07 -1.10 6.09
N TYR C 277 3.62 0.10 6.27
CA TYR C 277 3.12 1.28 5.59
C TYR C 277 3.31 1.20 4.07
N LYS C 278 4.51 0.82 3.63
CA LYS C 278 4.79 0.65 2.21
C LYS C 278 3.85 -0.36 1.55
N LYS C 279 3.56 -1.45 2.27
CA LYS C 279 2.73 -2.50 1.72
C LYS C 279 1.27 -2.13 1.70
N PHE C 280 0.75 -1.62 2.82
CA PHE C 280 -0.70 -1.45 2.97
C PHE C 280 -1.28 -0.04 2.76
N SER C 281 -0.43 0.98 2.90
CA SER C 281 -0.92 2.35 2.85
C SER C 281 -1.37 2.77 1.46
N PHE C 282 -0.78 2.16 0.43
CA PHE C 282 -1.05 2.57 -0.98
C PHE C 282 -0.73 4.03 -1.27
N THR C 283 0.39 4.48 -0.75
CA THR C 283 0.92 5.80 -1.05
C THR C 283 2.30 5.57 -1.65
N ASN C 284 2.77 6.50 -2.47
CA ASN C 284 4.21 6.55 -2.77
C ASN C 284 4.75 7.88 -2.35
N GLN C 285 5.52 7.86 -1.29
CA GLN C 285 5.88 9.07 -0.59
C GLN C 285 7.24 9.58 -1.06
N PRO C 286 7.43 10.92 -1.04
CA PRO C 286 8.73 11.49 -1.41
C PRO C 286 9.79 11.23 -0.35
N SER C 287 9.37 11.00 0.89
CA SER C 287 10.30 10.67 1.97
C SER C 287 9.63 9.82 3.03
N TYR C 288 10.44 9.10 3.79
CA TYR C 288 9.93 8.16 4.78
C TYR C 288 10.54 8.39 6.14
N SER C 289 10.84 9.65 6.42
CA SER C 289 11.11 10.08 7.78
C SER C 289 9.78 10.08 8.53
N LEU C 290 9.82 9.85 9.84
CA LEU C 290 8.62 9.81 10.65
C LEU C 290 7.91 11.16 10.68
N ASP C 291 8.68 12.25 10.81
CA ASP C 291 8.13 13.61 10.72
C ASP C 291 7.22 13.71 9.51
N TYR C 292 7.77 13.32 8.36
CA TYR C 292 7.05 13.43 7.10
C TYR C 292 5.75 12.63 7.09
N ILE C 293 5.85 11.37 7.51
CA ILE C 293 4.70 10.49 7.53
C ILE C 293 3.72 10.91 8.63
N SER C 294 4.25 11.27 9.80
CA SER C 294 3.41 11.83 10.87
C SER C 294 2.59 13.01 10.34
N GLU C 295 3.25 13.91 9.61
CA GLU C 295 2.59 15.09 9.07
C GLU C 295 1.53 14.69 8.05
N PHE C 296 1.91 13.87 7.08
CA PHE C 296 0.98 13.43 6.08
C PHE C 296 -0.25 12.74 6.71
N GLU C 297 0.00 11.90 7.72
CA GLU C 297 -1.05 11.04 8.26
C GLU C 297 -1.89 11.71 9.34
N LEU C 298 -1.23 12.42 10.25
CA LEU C 298 -1.87 12.95 11.44
C LEU C 298 -1.91 14.47 11.45
N ASN C 299 -1.26 15.09 10.47
CA ASN C 299 -1.33 16.52 10.34
C ASN C 299 -0.73 17.15 11.59
N VAL C 300 0.31 16.51 12.12
CA VAL C 300 1.08 17.10 13.21
C VAL C 300 2.40 17.62 12.68
N GLY C 301 2.96 18.60 13.40
CA GLY C 301 4.15 19.33 13.00
C GLY C 301 5.46 18.57 12.94
N LYS C 302 6.54 19.32 13.05
CA LYS C 302 7.84 18.85 12.63
C LYS C 302 8.72 18.28 13.75
N LEU C 303 8.38 18.56 15.01
CA LEU C 303 9.26 18.23 16.16
C LEU C 303 10.57 19.03 16.07
N LYS C 304 10.46 20.34 16.31
CA LYS C 304 11.55 21.26 16.05
C LYS C 304 12.62 21.27 17.12
N TYR C 305 13.88 21.38 16.68
CA TYR C 305 15.02 21.58 17.59
C TYR C 305 16.10 22.45 16.96
N ASP C 306 16.99 22.95 17.80
CA ASP C 306 18.12 23.78 17.35
C ASP C 306 19.36 22.92 17.13
N GLY C 307 20.23 23.35 16.21
CA GLY C 307 21.45 22.62 15.87
C GLY C 307 21.16 21.23 15.28
N PRO C 308 22.22 20.43 15.07
CA PRO C 308 22.07 19.09 14.50
C PRO C 308 21.58 18.10 15.55
N ILE C 309 21.22 16.89 15.12
CA ILE C 309 20.68 15.90 16.06
C ILE C 309 21.80 15.28 16.88
N SER C 310 23.00 15.27 16.30
CA SER C 310 24.16 14.71 16.97
C SER C 310 24.53 15.52 18.20
N LYS C 311 24.08 16.77 18.24
CA LYS C 311 24.37 17.68 19.34
C LYS C 311 23.17 17.93 20.25
N LEU C 312 22.08 17.20 20.01
CA LEU C 312 20.85 17.41 20.77
C LEU C 312 20.90 16.86 22.20
N ARG C 313 21.42 15.66 22.40
CA ARG C 313 21.45 15.14 23.75
C ARG C 313 22.23 16.08 24.67
N GLU C 314 23.34 16.64 24.17
CA GLU C 314 24.21 17.48 25.00
C GLU C 314 23.61 18.86 25.28
N SER C 315 23.17 19.54 24.24
CA SER C 315 22.61 20.88 24.38
C SER C 315 21.24 20.86 25.04
N ASN C 316 20.41 19.85 24.72
CA ASN C 316 19.05 19.77 25.28
C ASN C 316 18.56 18.34 25.50
N HIS C 317 19.08 17.71 26.55
CA HIS C 317 18.68 16.35 26.92
C HIS C 317 17.18 16.25 27.19
N GLN C 318 16.63 17.29 27.80
CA GLN C 318 15.19 17.38 28.05
C GLN C 318 14.40 17.05 26.81
N ARG C 319 14.66 17.79 25.74
CA ARG C 319 13.94 17.61 24.47
C ARG C 319 14.35 16.33 23.75
N TYR C 320 15.60 15.93 23.92
CA TYR C 320 16.09 14.66 23.35
C TYR C 320 15.27 13.46 23.80
N ILE C 321 14.98 13.36 25.10
CA ILE C 321 14.16 12.26 25.59
C ILE C 321 12.70 12.38 25.18
N SER C 322 12.15 13.59 25.28
CA SER C 322 10.74 13.76 24.96
C SER C 322 10.48 13.40 23.51
N TYR C 323 11.37 13.84 22.62
CA TYR C 323 11.28 13.53 21.21
C TYR C 323 11.39 12.04 20.89
N ASN C 324 12.20 11.32 21.65
CA ASN C 324 12.25 9.87 21.53
C ASN C 324 10.93 9.19 21.95
N ILE C 325 10.33 9.70 23.04
CA ILE C 325 9.04 9.19 23.51
C ILE C 325 7.94 9.47 22.50
N ILE C 326 7.93 10.71 22.00
CA ILE C 326 6.94 11.14 21.02
C ILE C 326 7.05 10.35 19.72
N ASP C 327 8.27 10.02 19.31
CA ASP C 327 8.45 9.23 18.08
C ASP C 327 7.73 7.89 18.21
N VAL C 328 7.83 7.28 19.38
CA VAL C 328 7.19 6.01 19.59
C VAL C 328 5.68 6.16 19.56
N TYR C 329 5.18 7.23 20.20
CA TYR C 329 3.76 7.45 20.25
C TYR C 329 3.22 7.69 18.85
N ARG C 330 3.97 8.44 18.04
CA ARG C 330 3.55 8.72 16.68
C ARG C 330 3.18 7.48 15.88
N VAL C 331 4.03 6.44 15.96
CA VAL C 331 3.74 5.20 15.24
C VAL C 331 2.41 4.61 15.75
N LEU C 332 2.19 4.67 17.05
CA LEU C 332 0.91 4.28 17.65
C LEU C 332 -0.25 5.12 17.10
N GLN C 333 -0.04 6.43 16.98
CA GLN C 333 -1.09 7.29 16.45
C GLN C 333 -1.37 6.90 15.01
N ILE C 334 -0.34 6.68 14.22
CA ILE C 334 -0.56 6.19 12.86
C ILE C 334 -1.33 4.86 12.84
N ASP C 335 -0.90 3.90 13.68
CA ASP C 335 -1.60 2.63 13.71
C ASP C 335 -3.06 2.70 14.17
N ALA C 336 -3.39 3.60 15.09
CA ALA C 336 -4.77 3.77 15.47
C ALA C 336 -5.63 4.24 14.27
N LYS C 337 -5.01 4.99 13.35
CA LYS C 337 -5.72 5.44 12.16
C LYS C 337 -5.74 4.35 11.07
N ARG C 338 -4.57 3.84 10.73
CA ARG C 338 -4.39 2.93 9.59
C ARG C 338 -4.73 1.47 9.88
N GLN C 339 -4.54 1.05 11.14
CA GLN C 339 -4.91 -0.30 11.61
C GLN C 339 -4.12 -1.46 10.97
N PHE C 340 -2.85 -1.22 10.66
CA PHE C 340 -2.07 -2.20 9.94
C PHE C 340 -1.67 -3.43 10.77
N ILE C 341 -1.41 -3.25 12.06
CA ILE C 341 -1.16 -4.39 12.96
C ILE C 341 -2.39 -5.30 13.00
N ASN C 342 -3.56 -4.69 13.19
CA ASN C 342 -4.85 -5.43 13.17
C ASN C 342 -5.01 -6.25 11.88
N LEU C 343 -4.79 -5.60 10.74
CA LEU C 343 -4.89 -6.25 9.43
C LEU C 343 -3.98 -7.47 9.41
N SER C 344 -2.75 -7.30 9.87
CA SER C 344 -1.75 -8.37 9.81
C SER C 344 -2.13 -9.52 10.71
N LEU C 345 -2.76 -9.21 11.84
CA LEU C 345 -3.23 -10.29 12.70
C LEU C 345 -4.37 -11.05 12.01
N ASP C 346 -5.38 -10.34 11.52
CA ASP C 346 -6.45 -10.95 10.73
C ASP C 346 -5.95 -11.95 9.70
N MET C 347 -5.05 -11.51 8.81
CA MET C 347 -4.60 -12.34 7.71
C MET C 347 -3.74 -13.50 8.17
N GLY C 348 -2.77 -13.20 9.03
CA GLY C 348 -1.89 -14.22 9.60
C GLY C 348 -2.63 -15.41 10.20
N TYR C 349 -3.61 -15.12 11.05
CA TYR C 349 -4.40 -16.17 11.68
C TYR C 349 -5.40 -16.79 10.73
N TYR C 350 -5.92 -15.99 9.79
CA TYR C 350 -6.90 -16.51 8.84
C TYR C 350 -6.27 -17.63 8.03
N ALA C 351 -5.00 -17.40 7.70
CA ALA C 351 -4.24 -18.27 6.84
C ALA C 351 -3.45 -19.32 7.61
N LYS C 352 -3.18 -19.08 8.90
CA LYS C 352 -2.32 -19.97 9.73
C LYS C 352 -0.87 -19.95 9.26
N ILE C 353 -0.30 -18.75 9.29
CA ILE C 353 1.11 -18.53 8.94
C ILE C 353 1.79 -17.78 10.07
N GLN C 354 3.12 -17.66 9.99
CA GLN C 354 3.82 -16.74 10.86
C GLN C 354 3.29 -15.36 10.50
N ILE C 355 2.96 -14.54 11.51
CA ILE C 355 2.37 -13.22 11.22
C ILE C 355 3.20 -12.39 10.21
N GLN C 356 4.53 -12.49 10.33
CA GLN C 356 5.43 -11.75 9.46
C GLN C 356 5.37 -12.21 8.02
N SER C 357 4.76 -13.36 7.77
CA SER C 357 4.56 -13.85 6.40
C SER C 357 3.46 -13.13 5.62
N VAL C 358 2.73 -12.22 6.27
CA VAL C 358 1.71 -11.45 5.55
C VAL C 358 2.33 -10.60 4.43
N PHE C 359 3.62 -10.31 4.53
CA PHE C 359 4.35 -9.62 3.45
C PHE C 359 4.49 -10.45 2.20
N SER C 360 4.07 -11.70 2.26
CA SER C 360 4.18 -12.61 1.13
C SER C 360 2.82 -13.20 0.75
N PRO C 361 2.19 -12.64 -0.28
CA PRO C 361 0.99 -13.22 -0.87
C PRO C 361 1.15 -14.67 -1.32
N ILE C 362 2.34 -15.06 -1.77
CA ILE C 362 2.58 -16.46 -2.15
C ILE C 362 2.59 -17.38 -0.93
N LYS C 363 3.24 -16.94 0.14
CA LYS C 363 3.28 -17.76 1.35
C LYS C 363 1.89 -17.85 1.96
N THR C 364 1.16 -16.73 1.91
CA THR C 364 -0.17 -16.63 2.47
C THR C 364 -1.14 -17.58 1.78
N TRP C 365 -1.11 -17.61 0.46
CA TRP C 365 -2.04 -18.40 -0.33
C TRP C 365 -1.71 -19.88 -0.34
N ASP C 366 -0.42 -20.20 -0.35
CA ASP C 366 0.04 -21.59 -0.25
C ASP C 366 -0.61 -22.22 0.99
N ALA C 367 -0.60 -21.48 2.09
CA ALA C 367 -1.18 -21.96 3.34
C ALA C 367 -2.70 -22.04 3.31
N ILE C 368 -3.36 -21.02 2.79
CA ILE C 368 -4.81 -21.06 2.70
C ILE C 368 -5.23 -22.27 1.87
N ILE C 369 -4.58 -22.45 0.72
CA ILE C 369 -4.91 -23.55 -0.16
C ILE C 369 -4.51 -24.86 0.47
N PHE C 370 -3.37 -24.88 1.14
CA PHE C 370 -2.96 -26.08 1.85
C PHE C 370 -4.02 -26.50 2.86
N ASN C 371 -4.38 -25.61 3.78
CA ASN C 371 -5.36 -25.97 4.81
C ASN C 371 -6.69 -26.43 4.23
N SER C 372 -7.13 -25.73 3.20
CA SER C 372 -8.38 -26.04 2.53
C SER C 372 -8.35 -27.48 1.99
N LEU C 373 -7.22 -27.83 1.37
CA LEU C 373 -6.99 -29.16 0.82
C LEU C 373 -6.88 -30.22 1.91
N LYS C 374 -6.16 -29.89 2.98
CA LYS C 374 -5.98 -30.82 4.08
C LYS C 374 -7.32 -31.26 4.64
N GLU C 375 -8.31 -30.36 4.66
CA GLU C 375 -9.66 -30.63 5.20
C GLU C 375 -10.44 -31.71 4.46
N GLN C 376 -10.06 -31.98 3.21
CA GLN C 376 -10.75 -32.97 2.40
C GLN C 376 -9.86 -34.18 2.13
N ASN C 377 -8.79 -34.29 2.92
CA ASN C 377 -7.82 -35.38 2.86
C ASN C 377 -7.02 -35.44 1.56
N LYS C 378 -7.05 -34.33 0.83
CA LYS C 378 -6.34 -34.19 -0.41
C LYS C 378 -4.90 -33.84 -0.11
N VAL C 379 -4.01 -34.08 -1.08
CA VAL C 379 -2.57 -33.87 -0.92
C VAL C 379 -2.05 -32.87 -1.94
N ILE C 380 -1.35 -31.83 -1.48
CA ILE C 380 -0.80 -30.78 -2.36
C ILE C 380 0.36 -31.30 -3.23
N PRO C 381 0.57 -30.67 -4.41
CA PRO C 381 1.70 -31.03 -5.28
C PRO C 381 3.05 -30.48 -4.80
N GLN C 382 4.14 -31.06 -5.31
CA GLN C 382 5.48 -30.61 -4.99
C GLN C 382 5.71 -29.28 -5.71
N GLY C 383 6.37 -28.34 -5.05
CA GLY C 383 6.75 -27.10 -5.68
C GLY C 383 7.91 -27.37 -6.60
N ARG C 384 7.68 -27.18 -7.91
CA ARG C 384 8.66 -27.43 -8.95
C ARG C 384 9.31 -26.13 -9.35
N SER C 385 10.31 -26.21 -10.23
CA SER C 385 10.97 -25.02 -10.73
C SER C 385 10.59 -24.75 -12.18
N HIS C 386 10.60 -23.49 -12.58
CA HIS C 386 10.20 -23.10 -13.93
C HIS C 386 11.04 -21.95 -14.41
N PRO C 387 11.21 -21.85 -15.74
CA PRO C 387 11.77 -20.65 -16.32
C PRO C 387 10.73 -19.53 -16.34
N VAL C 388 11.17 -18.30 -16.14
CA VAL C 388 10.31 -17.12 -16.24
C VAL C 388 9.96 -16.87 -17.70
N GLN C 389 8.67 -16.96 -18.02
CA GLN C 389 8.15 -16.60 -19.33
C GLN C 389 7.24 -15.36 -19.21
N PRO C 390 7.45 -14.33 -20.05
CA PRO C 390 6.45 -13.26 -20.14
C PRO C 390 5.12 -13.77 -20.66
N TYR C 391 4.04 -13.12 -20.28
CA TYR C 391 2.72 -13.50 -20.77
C TYR C 391 1.86 -12.28 -20.87
N PRO C 392 0.79 -12.34 -21.67
CA PRO C 392 0.03 -11.12 -21.88
C PRO C 392 -0.94 -10.84 -20.75
N GLY C 393 -1.21 -9.57 -20.52
CA GLY C 393 -2.14 -9.18 -19.47
C GLY C 393 -3.35 -8.46 -20.03
N ALA C 394 -3.56 -7.23 -19.58
CA ALA C 394 -4.78 -6.49 -19.87
C ALA C 394 -4.76 -5.70 -21.21
N PHE C 395 -5.94 -5.23 -21.60
CA PHE C 395 -6.08 -4.38 -22.76
C PHE C 395 -6.43 -2.96 -22.33
N VAL C 396 -5.80 -2.00 -22.99
CA VAL C 396 -6.06 -0.61 -22.74
C VAL C 396 -6.39 0.05 -24.07
N LYS C 397 -7.48 0.81 -24.11
CA LYS C 397 -7.91 1.46 -25.35
C LYS C 397 -7.05 2.69 -25.57
N GLU C 398 -6.63 2.92 -26.82
CA GLU C 398 -5.95 4.15 -27.18
C GLU C 398 -6.99 5.25 -27.38
N PRO C 399 -7.00 6.27 -26.51
CA PRO C 399 -8.04 7.28 -26.60
C PRO C 399 -7.66 8.46 -27.50
N ILE C 400 -8.67 9.11 -28.07
CA ILE C 400 -8.46 10.33 -28.83
C ILE C 400 -8.21 11.46 -27.84
N PRO C 401 -6.99 12.03 -27.86
CA PRO C 401 -6.71 13.12 -26.92
C PRO C 401 -7.65 14.26 -27.23
N ASN C 402 -8.19 14.85 -26.19
CA ASN C 402 -9.26 15.81 -26.35
C ASN C 402 -9.84 16.23 -25.00
N ARG C 403 -10.62 17.30 -25.00
CA ARG C 403 -11.52 17.55 -23.89
C ARG C 403 -12.74 16.66 -24.09
N TYR C 404 -13.42 16.36 -22.99
CA TYR C 404 -14.72 15.70 -23.04
C TYR C 404 -15.57 16.34 -21.95
N LYS C 405 -16.75 16.80 -22.32
CA LYS C 405 -17.55 17.64 -21.43
C LYS C 405 -18.26 16.82 -20.36
N TYR C 406 -19.06 15.86 -20.79
CA TYR C 406 -19.82 15.03 -19.86
C TYR C 406 -19.40 13.58 -20.04
N VAL C 407 -18.96 12.99 -18.94
CA VAL C 407 -18.36 11.67 -18.94
C VAL C 407 -19.01 10.82 -17.85
N MET C 408 -19.26 9.54 -18.16
CA MET C 408 -19.80 8.62 -17.19
C MET C 408 -19.05 7.30 -17.28
N SER C 409 -18.48 6.85 -16.16
CA SER C 409 -17.69 5.62 -16.18
C SER C 409 -18.39 4.42 -15.57
N PHE C 410 -17.88 3.23 -15.88
CA PHE C 410 -18.46 1.95 -15.45
C PHE C 410 -17.33 0.96 -15.20
N ASP C 411 -17.42 0.22 -14.09
CA ASP C 411 -16.31 -0.65 -13.69
C ASP C 411 -16.79 -2.04 -13.30
N LEU C 412 -15.94 -3.04 -13.52
CA LEU C 412 -16.25 -4.43 -13.15
C LEU C 412 -15.78 -4.73 -11.74
N THR C 413 -16.63 -5.38 -10.92
CA THR C 413 -16.29 -5.70 -9.52
C THR C 413 -15.27 -6.83 -9.41
N SER C 414 -14.20 -6.62 -8.65
CA SER C 414 -13.13 -7.61 -8.49
C SER C 414 -13.03 -8.53 -9.70
N LEU C 415 -12.53 -7.96 -10.79
CA LEU C 415 -12.58 -8.60 -12.08
C LEU C 415 -11.78 -9.90 -12.08
N TYR C 416 -10.48 -9.81 -11.84
CA TYR C 416 -9.67 -11.01 -12.00
C TYR C 416 -10.18 -12.13 -11.11
N PRO C 417 -10.48 -11.84 -9.81
CA PRO C 417 -11.10 -12.89 -8.99
C PRO C 417 -12.48 -13.32 -9.51
N SER C 418 -13.30 -12.36 -9.91
CA SER C 418 -14.60 -12.70 -10.48
C SER C 418 -14.44 -13.66 -11.66
N ILE C 419 -13.45 -13.40 -12.51
CA ILE C 419 -13.17 -14.24 -13.66
C ILE C 419 -12.82 -15.63 -13.18
N ILE C 420 -11.97 -15.72 -12.17
CA ILE C 420 -11.63 -16.98 -11.55
C ILE C 420 -12.91 -17.73 -11.14
N ARG C 421 -13.79 -17.06 -10.41
CA ARG C 421 -15.03 -17.70 -9.95
C ARG C 421 -16.02 -18.04 -11.09
N GLN C 422 -16.18 -17.14 -12.05
CA GLN C 422 -17.12 -17.32 -13.16
C GLN C 422 -16.70 -18.47 -14.06
N VAL C 423 -15.39 -18.57 -14.30
CA VAL C 423 -14.86 -19.58 -15.22
C VAL C 423 -14.50 -20.87 -14.50
N ASN C 424 -14.29 -20.77 -13.19
CA ASN C 424 -13.88 -21.91 -12.36
C ASN C 424 -12.44 -22.31 -12.64
N ILE C 425 -11.54 -21.32 -12.55
CA ILE C 425 -10.12 -21.50 -12.85
C ILE C 425 -9.37 -21.95 -11.60
N SER C 426 -8.71 -23.10 -11.69
CA SER C 426 -8.06 -23.72 -10.54
C SER C 426 -7.21 -24.86 -11.05
N PRO C 427 -6.06 -25.14 -10.40
CA PRO C 427 -5.16 -26.21 -10.87
C PRO C 427 -5.83 -27.58 -11.14
N GLU C 428 -6.92 -27.88 -10.44
CA GLU C 428 -7.55 -29.20 -10.59
C GLU C 428 -8.90 -29.14 -11.27
N THR C 429 -9.20 -28.04 -11.95
CA THR C 429 -10.47 -27.92 -12.64
C THR C 429 -10.24 -27.93 -14.13
N ILE C 430 -8.98 -28.05 -14.53
CA ILE C 430 -8.62 -28.14 -15.94
C ILE C 430 -9.22 -29.41 -16.57
N ALA C 431 -9.95 -29.24 -17.67
CA ALA C 431 -10.62 -30.34 -18.35
C ALA C 431 -9.98 -30.63 -19.70
N GLY C 432 -9.45 -29.59 -20.34
CA GLY C 432 -8.84 -29.74 -21.64
C GLY C 432 -8.66 -28.40 -22.32
N THR C 433 -8.51 -28.42 -23.64
CA THR C 433 -8.34 -27.21 -24.44
C THR C 433 -9.30 -27.24 -25.60
N PHE C 434 -9.43 -26.10 -26.28
CA PHE C 434 -10.10 -26.06 -27.57
C PHE C 434 -9.23 -25.21 -28.49
N LYS C 435 -9.48 -25.28 -29.80
CA LYS C 435 -8.70 -24.45 -30.71
C LYS C 435 -9.23 -23.03 -30.81
N VAL C 436 -8.34 -22.09 -30.51
CA VAL C 436 -8.71 -20.70 -30.33
C VAL C 436 -8.75 -19.92 -31.64
N ALA C 437 -9.85 -19.22 -31.88
CA ALA C 437 -9.91 -18.23 -32.94
C ALA C 437 -9.13 -17.00 -32.47
N PRO C 438 -8.67 -16.16 -33.43
CA PRO C 438 -8.08 -14.88 -32.98
C PRO C 438 -9.06 -14.14 -32.07
N LEU C 439 -8.54 -13.36 -31.13
CA LEU C 439 -9.37 -12.81 -30.06
C LEU C 439 -10.59 -12.02 -30.54
N HIS C 440 -10.43 -11.28 -31.62
CA HIS C 440 -11.48 -10.36 -32.05
C HIS C 440 -12.78 -11.04 -32.50
N ASP C 441 -12.71 -12.32 -32.82
CA ASP C 441 -13.89 -13.13 -33.24
C ASP C 441 -14.78 -13.51 -32.08
N TYR C 442 -14.17 -13.64 -30.91
CA TYR C 442 -14.90 -13.78 -29.67
C TYR C 442 -15.51 -12.45 -29.24
N ILE C 443 -14.77 -11.36 -29.44
CA ILE C 443 -15.29 -10.03 -29.08
C ILE C 443 -16.57 -9.71 -29.85
N ASN C 444 -16.59 -10.02 -31.15
CA ASN C 444 -17.72 -9.67 -32.01
C ASN C 444 -18.73 -10.81 -32.23
N ALA C 445 -18.55 -11.92 -31.51
CA ALA C 445 -19.47 -13.07 -31.57
C ALA C 445 -19.54 -13.78 -32.94
N VAL C 446 -18.38 -13.87 -33.60
CA VAL C 446 -18.27 -14.57 -34.88
C VAL C 446 -17.78 -15.99 -34.65
N ALA C 447 -16.72 -16.13 -33.87
CA ALA C 447 -16.10 -17.43 -33.61
C ALA C 447 -17.11 -18.40 -33.00
N GLU C 448 -17.06 -19.66 -33.42
CA GLU C 448 -17.99 -20.64 -32.89
C GLU C 448 -17.80 -20.86 -31.39
N ARG C 449 -18.92 -21.10 -30.71
CA ARG C 449 -18.96 -21.42 -29.27
C ARG C 449 -17.92 -22.51 -28.99
N PRO C 450 -16.99 -22.24 -28.05
CA PRO C 450 -15.87 -23.17 -27.87
C PRO C 450 -16.31 -24.53 -27.34
N SER C 451 -17.21 -24.55 -26.36
CA SER C 451 -17.70 -25.80 -25.78
C SER C 451 -19.13 -25.77 -25.26
N ASP C 452 -19.72 -26.96 -25.26
CA ASP C 452 -21.09 -27.18 -24.85
C ASP C 452 -21.07 -27.84 -23.47
N VAL C 453 -19.89 -28.28 -23.06
CA VAL C 453 -19.71 -29.07 -21.85
C VAL C 453 -18.95 -28.35 -20.75
N TYR C 454 -17.89 -27.64 -21.12
CA TYR C 454 -17.02 -27.03 -20.12
C TYR C 454 -17.17 -25.51 -20.09
N SER C 455 -16.60 -24.90 -19.06
CA SER C 455 -16.50 -23.45 -18.93
C SER C 455 -15.19 -22.98 -19.56
N CYS C 456 -15.24 -21.94 -20.38
CA CYS C 456 -14.15 -21.63 -21.29
C CYS C 456 -13.57 -20.23 -21.18
N SER C 457 -12.28 -20.11 -21.46
CA SER C 457 -11.62 -18.81 -21.61
C SER C 457 -11.15 -18.66 -23.07
N PRO C 458 -11.25 -17.43 -23.61
CA PRO C 458 -10.83 -17.17 -24.99
C PRO C 458 -9.36 -17.50 -25.28
N ASN C 459 -8.59 -17.90 -24.26
CA ASN C 459 -7.21 -18.36 -24.43
C ASN C 459 -7.11 -19.83 -24.87
N GLY C 460 -8.25 -20.51 -24.90
CA GLY C 460 -8.29 -21.88 -25.35
C GLY C 460 -8.37 -22.93 -24.26
N MET C 461 -8.49 -22.51 -23.01
CA MET C 461 -8.60 -23.45 -21.90
C MET C 461 -10.05 -23.77 -21.55
N MET C 462 -10.28 -24.97 -21.03
CA MET C 462 -11.60 -25.45 -20.64
C MET C 462 -11.59 -26.03 -19.23
N TYR C 463 -12.62 -25.70 -18.47
CA TYR C 463 -12.71 -26.09 -17.06
C TYR C 463 -14.03 -26.76 -16.75
N TYR C 464 -13.99 -27.72 -15.83
CA TYR C 464 -15.20 -28.40 -15.34
C TYR C 464 -16.17 -27.41 -14.72
N LYS C 465 -17.46 -27.55 -15.02
CA LYS C 465 -18.50 -26.72 -14.41
C LYS C 465 -19.00 -27.27 -13.07
N ASP C 466 -18.99 -28.60 -12.94
CA ASP C 466 -19.64 -29.29 -11.83
C ASP C 466 -18.85 -29.26 -10.51
N ARG C 467 -17.52 -29.30 -10.62
CA ARG C 467 -16.65 -29.39 -9.45
C ARG C 467 -16.42 -28.01 -8.79
N ASP C 468 -15.53 -27.97 -7.79
CA ASP C 468 -15.33 -26.76 -7.00
C ASP C 468 -13.99 -26.05 -7.23
N GLY C 469 -12.90 -26.73 -6.92
CA GLY C 469 -11.58 -26.10 -7.04
C GLY C 469 -11.28 -25.17 -5.88
N VAL C 470 -10.18 -25.44 -5.19
CA VAL C 470 -9.75 -24.63 -4.05
C VAL C 470 -9.60 -23.14 -4.35
N VAL C 471 -9.02 -22.82 -5.50
CA VAL C 471 -8.82 -21.41 -5.85
C VAL C 471 -10.14 -20.64 -5.86
N PRO C 472 -11.10 -21.00 -6.74
CA PRO C 472 -12.41 -20.37 -6.62
C PRO C 472 -12.94 -20.33 -5.20
N THR C 473 -12.99 -21.49 -4.53
CA THR C 473 -13.55 -21.59 -3.19
C THR C 473 -12.88 -20.62 -2.23
N GLU C 474 -11.58 -20.76 -2.07
CA GLU C 474 -10.84 -19.87 -1.17
C GLU C 474 -10.85 -18.41 -1.59
N ILE C 475 -10.83 -18.14 -2.89
CA ILE C 475 -10.85 -16.74 -3.36
C ILE C 475 -12.18 -16.05 -3.06
N THR C 476 -13.28 -16.78 -3.24
CA THR C 476 -14.63 -16.27 -2.96
C THR C 476 -14.76 -15.80 -1.52
N LYS C 477 -14.14 -16.55 -0.61
CA LYS C 477 -14.20 -16.19 0.81
C LYS C 477 -13.56 -14.85 1.07
N VAL C 478 -12.31 -14.66 0.67
CA VAL C 478 -11.66 -13.38 0.96
C VAL C 478 -12.34 -12.25 0.19
N PHE C 479 -12.86 -12.55 -1.00
CA PHE C 479 -13.68 -11.58 -1.70
C PHE C 479 -14.89 -11.08 -0.88
N ASN C 480 -15.61 -11.99 -0.22
CA ASN C 480 -16.79 -11.60 0.59
C ASN C 480 -16.45 -10.69 1.76
N GLN C 481 -15.31 -10.96 2.40
CA GLN C 481 -14.77 -10.04 3.40
C GLN C 481 -14.49 -8.70 2.76
N ARG C 482 -13.81 -8.71 1.61
CA ARG C 482 -13.57 -7.48 0.86
C ARG C 482 -14.87 -6.68 0.69
N LYS C 483 -15.91 -7.31 0.16
CA LYS C 483 -17.19 -6.65 -0.10
C LYS C 483 -17.84 -6.02 1.18
N GLU C 484 -17.65 -6.70 2.31
CA GLU C 484 -18.18 -6.28 3.61
C GLU C 484 -17.54 -4.94 4.05
N HIS C 485 -16.22 -4.93 4.10
CA HIS C 485 -15.47 -3.75 4.48
C HIS C 485 -15.55 -2.62 3.46
N LYS C 486 -15.69 -2.95 2.19
CA LYS C 486 -15.95 -1.90 1.22
C LYS C 486 -17.27 -1.20 1.54
N GLY C 487 -18.25 -2.00 1.95
CA GLY C 487 -19.58 -1.51 2.25
C GLY C 487 -19.53 -0.53 3.40
N TYR C 488 -18.76 -0.91 4.42
CA TYR C 488 -18.57 -0.06 5.59
C TYR C 488 -17.88 1.21 5.15
N MET C 489 -16.85 1.05 4.31
CA MET C 489 -16.06 2.17 3.82
C MET C 489 -16.95 3.20 3.10
N LEU C 490 -17.68 2.76 2.08
CA LEU C 490 -18.50 3.65 1.28
C LEU C 490 -19.55 4.40 2.11
N ALA C 491 -20.23 3.67 2.98
CA ALA C 491 -21.23 4.27 3.86
C ALA C 491 -20.62 5.33 4.80
N ALA C 492 -19.42 5.06 5.31
CA ALA C 492 -18.76 6.06 6.17
C ALA C 492 -18.49 7.31 5.35
N GLN C 493 -18.14 7.11 4.09
CA GLN C 493 -17.91 8.18 3.16
C GLN C 493 -19.21 8.95 2.89
N ARG C 494 -20.29 8.21 2.61
CA ARG C 494 -21.61 8.82 2.36
C ARG C 494 -22.02 9.67 3.54
N ASN C 495 -21.88 9.11 4.74
CA ASN C 495 -22.18 9.82 5.98
C ASN C 495 -21.35 11.09 6.09
N GLY C 496 -20.04 10.96 5.94
CA GLY C 496 -19.13 12.11 5.89
C GLY C 496 -19.55 13.23 4.94
N GLU C 497 -20.21 12.89 3.82
CA GLU C 497 -20.66 13.96 2.93
C GLU C 497 -21.86 14.69 3.52
N ILE C 498 -22.66 13.97 4.30
CA ILE C 498 -23.84 14.53 4.92
C ILE C 498 -23.45 15.50 6.02
N ILE C 499 -22.38 15.18 6.73
CA ILE C 499 -21.89 16.04 7.78
C ILE C 499 -21.36 17.33 7.15
N LYS C 500 -20.66 17.19 6.02
CA LYS C 500 -20.13 18.34 5.29
C LYS C 500 -21.23 19.31 4.84
N GLU C 501 -22.32 18.77 4.29
CA GLU C 501 -23.49 19.55 3.89
C GLU C 501 -24.09 20.31 5.07
N ALA C 502 -24.14 19.65 6.22
CA ALA C 502 -24.69 20.23 7.45
C ALA C 502 -23.87 21.40 7.98
N LEU C 503 -22.58 21.39 7.67
CA LEU C 503 -21.66 22.42 8.15
C LEU C 503 -21.87 23.78 7.46
N HIS C 504 -22.99 23.91 6.74
CA HIS C 504 -23.44 25.21 6.22
C HIS C 504 -24.52 25.83 7.13
N ASN C 505 -25.19 24.99 7.91
CA ASN C 505 -26.15 25.44 8.93
C ASN C 505 -25.67 25.16 10.37
N PRO C 506 -24.41 25.52 10.71
CA PRO C 506 -24.00 25.17 12.07
C PRO C 506 -24.84 25.96 13.07
N ASN C 507 -25.41 25.27 14.04
CA ASN C 507 -26.28 25.92 15.02
C ASN C 507 -25.49 26.50 16.17
N LEU C 508 -25.88 27.71 16.59
CA LEU C 508 -25.27 28.36 17.76
C LEU C 508 -25.79 27.62 18.99
N SER C 509 -24.98 26.70 19.50
CA SER C 509 -25.49 25.64 20.38
C SER C 509 -24.37 24.88 21.08
N VAL C 510 -24.62 24.48 22.32
CA VAL C 510 -23.67 23.67 23.09
C VAL C 510 -24.19 22.23 23.27
N ASP C 511 -23.52 21.30 22.58
CA ASP C 511 -23.87 19.87 22.60
C ASP C 511 -22.66 18.91 22.45
N GLU C 512 -22.95 17.62 22.44
CA GLU C 512 -21.95 16.61 22.13
C GLU C 512 -22.30 15.88 20.83
N PRO C 513 -21.28 15.43 20.09
CA PRO C 513 -21.47 14.65 18.86
C PRO C 513 -22.29 13.40 19.09
N LEU C 514 -23.07 13.01 18.09
CA LEU C 514 -23.95 11.86 18.22
C LEU C 514 -23.18 10.56 18.35
N ASP C 515 -23.68 9.68 19.21
CA ASP C 515 -23.19 8.32 19.34
C ASP C 515 -23.81 7.45 18.24
N VAL C 516 -23.07 7.32 17.14
CA VAL C 516 -23.53 6.55 15.97
C VAL C 516 -22.40 5.67 15.40
N ASP C 517 -22.81 4.62 14.70
CA ASP C 517 -21.88 3.72 14.02
C ASP C 517 -21.83 4.20 12.57
N TYR C 518 -20.67 4.74 12.19
CA TYR C 518 -20.47 5.35 10.89
C TYR C 518 -20.37 4.34 9.74
N ARG C 519 -20.26 3.05 10.05
CA ARG C 519 -20.20 1.99 9.03
C ARG C 519 -21.52 1.83 8.27
N PHE C 520 -22.59 2.40 8.82
CA PHE C 520 -23.93 2.24 8.27
C PHE C 520 -24.55 3.57 7.88
N ASP C 521 -25.31 3.57 6.79
CA ASP C 521 -25.95 4.81 6.33
C ASP C 521 -26.73 5.39 7.49
N PHE C 522 -26.55 6.68 7.72
CA PHE C 522 -27.29 7.37 8.76
C PHE C 522 -28.78 7.19 8.54
N SER C 523 -29.52 6.97 9.61
CA SER C 523 -30.97 6.89 9.57
C SER C 523 -31.56 8.30 9.54
N ASP C 524 -32.82 8.42 9.13
CA ASP C 524 -33.47 9.74 8.98
C ASP C 524 -33.46 10.57 10.27
N GLU C 525 -33.69 9.92 11.41
CA GLU C 525 -33.69 10.58 12.72
C GLU C 525 -32.31 11.15 13.08
N ILE C 526 -31.27 10.36 12.87
CA ILE C 526 -29.89 10.82 13.01
C ILE C 526 -29.67 12.03 12.09
N LYS C 527 -30.10 11.92 10.84
CA LYS C 527 -29.95 12.99 9.85
C LYS C 527 -30.62 14.26 10.33
N GLU C 528 -31.84 14.10 10.85
CA GLU C 528 -32.65 15.19 11.38
C GLU C 528 -31.95 15.82 12.57
N LYS C 529 -31.37 14.97 13.42
CA LYS C 529 -30.61 15.39 14.60
C LYS C 529 -29.31 16.13 14.25
N ILE C 530 -28.80 15.89 13.04
CA ILE C 530 -27.54 16.46 12.59
C ILE C 530 -27.60 17.96 12.20
N LYS C 531 -28.62 18.36 11.44
CA LYS C 531 -28.79 19.78 11.03
C LYS C 531 -28.83 20.77 12.20
N LYS C 532 -29.46 20.36 13.29
CA LYS C 532 -29.59 21.19 14.49
C LYS C 532 -28.30 21.28 15.31
N LEU C 533 -27.29 20.48 14.98
CA LEU C 533 -26.03 20.45 15.75
C LEU C 533 -25.10 21.62 15.45
N SER C 534 -24.16 21.84 16.37
CA SER C 534 -23.16 22.90 16.27
C SER C 534 -21.97 22.52 15.42
N ALA C 535 -21.22 23.51 14.93
CA ALA C 535 -19.95 23.27 14.24
C ALA C 535 -18.98 22.38 15.06
N LYS C 536 -18.81 22.69 16.34
CA LYS C 536 -17.91 21.93 17.21
C LYS C 536 -18.28 20.44 17.20
N SER C 537 -19.57 20.13 17.31
CA SER C 537 -20.05 18.75 17.32
C SER C 537 -20.07 18.08 15.94
N LEU C 538 -20.29 18.87 14.90
CA LEU C 538 -20.29 18.33 13.53
C LEU C 538 -18.88 17.92 13.10
N ASN C 539 -17.88 18.73 13.44
CA ASN C 539 -16.50 18.43 13.08
C ASN C 539 -15.95 17.20 13.78
N GLU C 540 -16.28 17.03 15.06
CA GLU C 540 -15.92 15.80 15.77
C GLU C 540 -16.48 14.58 15.04
N MET C 541 -17.72 14.67 14.59
CA MET C 541 -18.36 13.60 13.83
C MET C 541 -17.71 13.34 12.48
N LEU C 542 -17.35 14.42 11.78
CA LEU C 542 -16.66 14.31 10.49
C LEU C 542 -15.39 13.53 10.67
N PHE C 543 -14.55 14.01 11.59
CA PHE C 543 -13.32 13.34 11.96
C PHE C 543 -13.56 11.85 12.21
N ARG C 544 -14.59 11.52 12.99
CA ARG C 544 -14.89 10.12 13.29
C ARG C 544 -15.29 9.37 12.04
N ALA C 545 -16.16 9.97 11.24
CA ALA C 545 -16.57 9.37 9.99
C ALA C 545 -15.33 9.02 9.15
N GLN C 546 -14.49 10.02 8.86
CA GLN C 546 -13.25 9.77 8.12
C GLN C 546 -12.41 8.67 8.73
N ARG C 547 -12.28 8.67 10.06
CA ARG C 547 -11.51 7.64 10.75
C ARG C 547 -12.11 6.26 10.51
N THR C 548 -13.44 6.18 10.46
CA THR C 548 -14.14 4.94 10.12
C THR C 548 -13.82 4.54 8.69
N GLU C 549 -13.86 5.54 7.80
CA GLU C 549 -13.57 5.28 6.40
C GLU C 549 -12.15 4.76 6.16
N VAL C 550 -11.15 5.47 6.68
CA VAL C 550 -9.75 5.00 6.60
C VAL C 550 -9.68 3.53 7.05
N ALA C 551 -10.22 3.26 8.24
CA ALA C 551 -10.24 1.90 8.80
C ALA C 551 -10.79 0.93 7.78
N GLY C 552 -11.93 1.30 7.20
CA GLY C 552 -12.62 0.49 6.19
C GLY C 552 -11.85 0.41 4.89
N MET C 553 -11.16 1.50 4.53
CA MET C 553 -10.26 1.51 3.36
C MET C 553 -9.19 0.45 3.54
N THR C 554 -8.50 0.50 4.69
CA THR C 554 -7.44 -0.44 5.02
C THR C 554 -7.91 -1.90 4.87
N ALA C 555 -9.09 -2.21 5.41
CA ALA C 555 -9.55 -3.60 5.42
C ALA C 555 -9.88 -4.14 4.02
N GLN C 556 -10.34 -3.23 3.18
CA GLN C 556 -10.95 -3.53 1.91
C GLN C 556 -9.85 -3.63 0.86
N ILE C 557 -9.02 -2.60 0.77
CA ILE C 557 -8.10 -2.48 -0.34
C ILE C 557 -7.05 -3.58 -0.25
N ASN C 558 -6.79 -4.00 0.98
CA ASN C 558 -5.75 -4.99 1.25
C ASN C 558 -6.24 -6.41 1.12
N ARG C 559 -7.53 -6.63 1.31
CA ARG C 559 -8.10 -7.92 0.93
C ARG C 559 -8.16 -8.02 -0.60
N LYS C 560 -8.62 -6.95 -1.24
CA LYS C 560 -8.50 -6.81 -2.70
C LYS C 560 -7.07 -7.12 -3.17
N ALA C 561 -6.09 -6.47 -2.57
CA ALA C 561 -4.69 -6.74 -2.91
C ALA C 561 -4.41 -8.23 -2.87
N LEU C 562 -4.81 -8.88 -1.78
CA LEU C 562 -4.58 -10.32 -1.58
C LEU C 562 -5.25 -11.20 -2.64
N ILE C 563 -6.51 -10.92 -2.96
CA ILE C 563 -7.21 -11.73 -3.97
C ILE C 563 -6.66 -11.50 -5.38
N ASN C 564 -6.32 -10.25 -5.70
CA ASN C 564 -5.65 -9.97 -6.98
C ASN C 564 -4.29 -10.64 -7.06
N GLY C 565 -3.70 -10.87 -5.89
CA GLY C 565 -2.37 -11.46 -5.79
C GLY C 565 -2.35 -12.94 -6.09
N LEU C 566 -3.42 -13.64 -5.72
CA LEU C 566 -3.59 -15.02 -6.12
C LEU C 566 -3.58 -15.10 -7.64
N ALA C 567 -4.29 -14.19 -8.29
CA ALA C 567 -4.41 -14.24 -9.73
C ALA C 567 -3.03 -14.08 -10.38
N GLY C 568 -2.22 -13.17 -9.85
CA GLY C 568 -0.88 -12.94 -10.38
C GLY C 568 0.08 -14.06 -9.94
N ALA C 569 -0.16 -14.60 -8.75
CA ALA C 569 0.64 -15.69 -8.23
C ALA C 569 0.67 -16.88 -9.18
N LEU C 570 -0.43 -17.11 -9.90
CA LEU C 570 -0.51 -18.17 -10.92
C LEU C 570 0.54 -17.98 -12.02
N GLY C 571 1.08 -16.76 -12.10
CA GLY C 571 2.12 -16.41 -13.04
C GLY C 571 3.45 -16.09 -12.38
N ASN C 572 3.61 -16.52 -11.13
CA ASN C 572 4.92 -16.45 -10.48
C ASN C 572 5.48 -17.85 -10.27
N VAL C 573 6.63 -18.10 -10.87
CA VAL C 573 7.24 -19.43 -10.91
C VAL C 573 7.53 -20.05 -9.56
N TRP C 574 7.38 -19.28 -8.47
CA TRP C 574 7.63 -19.82 -7.14
C TRP C 574 6.37 -20.30 -6.45
N PHE C 575 5.21 -19.85 -6.90
CA PHE C 575 3.91 -20.33 -6.42
C PHE C 575 3.77 -21.82 -6.71
N ARG C 576 3.30 -22.58 -5.72
CA ARG C 576 3.11 -24.02 -5.87
C ARG C 576 2.23 -24.34 -7.08
N TYR C 577 1.28 -23.44 -7.37
CA TYR C 577 0.31 -23.70 -8.43
C TYR C 577 0.54 -22.84 -9.66
N TYR C 578 1.78 -22.39 -9.84
CA TYR C 578 2.19 -21.74 -11.06
C TYR C 578 1.61 -22.46 -12.28
N ASP C 579 1.05 -21.70 -13.21
CA ASP C 579 0.47 -22.29 -14.42
C ASP C 579 -0.04 -21.20 -15.34
N LEU C 580 0.76 -20.92 -16.35
CA LEU C 580 0.50 -19.86 -17.30
C LEU C 580 -0.81 -20.07 -18.06
N ARG C 581 -1.22 -21.33 -18.20
CA ARG C 581 -2.51 -21.67 -18.81
C ARG C 581 -3.65 -20.99 -18.06
N ASN C 582 -3.56 -21.02 -16.73
CA ASN C 582 -4.56 -20.42 -15.86
C ASN C 582 -4.41 -18.90 -15.78
N ALA C 583 -3.17 -18.43 -15.64
CA ALA C 583 -2.91 -16.99 -15.54
C ALA C 583 -3.40 -16.31 -16.80
N THR C 584 -3.08 -16.92 -17.93
CA THR C 584 -3.47 -16.45 -19.24
C THR C 584 -4.98 -16.56 -19.47
N ALA C 585 -5.59 -17.57 -18.87
CA ALA C 585 -7.04 -17.70 -18.97
C ALA C 585 -7.71 -16.51 -18.29
N ILE C 586 -7.11 -16.02 -17.20
CA ILE C 586 -7.63 -14.86 -16.50
C ILE C 586 -7.51 -13.62 -17.39
N THR C 587 -6.27 -13.22 -17.70
CA THR C 587 -6.03 -11.99 -18.44
C THR C 587 -6.81 -11.93 -19.77
N THR C 588 -6.75 -13.03 -20.52
CA THR C 588 -7.37 -13.07 -21.85
C THR C 588 -8.88 -12.93 -21.78
N PHE C 589 -9.50 -13.59 -20.82
CA PHE C 589 -10.92 -13.45 -20.61
C PHE C 589 -11.23 -12.00 -20.28
N GLY C 590 -10.36 -11.38 -19.49
CA GLY C 590 -10.48 -9.95 -19.18
C GLY C 590 -10.47 -9.10 -20.44
N GLN C 591 -9.48 -9.26 -21.29
CA GLN C 591 -9.41 -8.52 -22.54
C GLN C 591 -10.69 -8.66 -23.33
N MET C 592 -11.22 -9.87 -23.43
CA MET C 592 -12.45 -10.10 -24.17
C MET C 592 -13.62 -9.37 -23.51
N ALA C 593 -13.73 -9.51 -22.19
CA ALA C 593 -14.84 -8.91 -21.42
C ALA C 593 -14.95 -7.40 -21.66
N LEU C 594 -13.81 -6.72 -21.54
CA LEU C 594 -13.74 -5.28 -21.69
C LEU C 594 -14.19 -4.86 -23.08
N GLN C 595 -13.57 -5.44 -24.10
CA GLN C 595 -13.88 -5.10 -25.48
C GLN C 595 -15.27 -5.58 -25.92
N TRP C 596 -15.72 -6.68 -25.34
CA TRP C 596 -17.07 -7.18 -25.61
C TRP C 596 -18.08 -6.12 -25.22
N ILE C 597 -17.97 -5.62 -23.98
CA ILE C 597 -18.92 -4.65 -23.46
C ILE C 597 -18.78 -3.27 -24.11
N GLU C 598 -17.58 -2.96 -24.60
CA GLU C 598 -17.36 -1.77 -25.43
C GLU C 598 -18.23 -1.86 -26.67
N ARG C 599 -18.28 -3.05 -27.27
CA ARG C 599 -19.11 -3.28 -28.44
C ARG C 599 -20.57 -3.10 -28.04
N LYS C 600 -21.00 -3.84 -27.01
CA LYS C 600 -22.38 -3.77 -26.54
C LYS C 600 -22.80 -2.35 -26.12
N VAL C 601 -21.95 -1.68 -25.35
CA VAL C 601 -22.26 -0.33 -24.87
C VAL C 601 -22.30 0.72 -25.98
N ASN C 602 -21.48 0.56 -27.01
CA ASN C 602 -21.62 1.37 -28.20
C ASN C 602 -22.92 1.03 -28.98
N GLU C 603 -23.28 -0.26 -28.99
CA GLU C 603 -24.46 -0.69 -29.72
C GLU C 603 -25.72 -0.12 -29.08
N TYR C 604 -25.90 -0.41 -27.80
CA TYR C 604 -27.07 0.05 -27.05
C TYR C 604 -27.37 1.53 -27.27
N LEU C 605 -26.39 2.39 -27.00
CA LEU C 605 -26.60 3.83 -27.04
C LEU C 605 -26.92 4.34 -28.45
N ASN C 606 -26.28 3.76 -29.46
CA ASN C 606 -26.54 4.11 -30.86
C ASN C 606 -27.98 3.84 -31.25
N GLU C 607 -28.54 2.74 -30.74
CA GLU C 607 -29.98 2.48 -30.88
C GLU C 607 -30.79 3.47 -30.05
N VAL C 608 -30.43 3.60 -28.77
CA VAL C 608 -31.14 4.47 -27.84
C VAL C 608 -31.09 5.97 -28.21
N CYS C 609 -30.18 6.32 -29.11
CA CYS C 609 -30.12 7.68 -29.65
C CYS C 609 -30.45 7.71 -31.13
N GLY C 610 -30.96 6.58 -31.64
CA GLY C 610 -31.29 6.42 -33.07
C GLY C 610 -30.09 6.50 -33.99
N THR C 611 -28.99 7.07 -33.49
CA THR C 611 -27.79 7.37 -34.27
C THR C 611 -27.08 6.13 -34.83
N GLU C 612 -26.17 6.35 -35.78
CA GLU C 612 -25.54 5.24 -36.52
C GLU C 612 -24.03 5.16 -36.29
N GLY C 613 -23.58 4.03 -35.73
CA GLY C 613 -22.16 3.71 -35.59
C GLY C 613 -21.24 4.75 -34.98
N GLU C 614 -21.72 5.46 -33.98
CA GLU C 614 -20.90 6.46 -33.28
C GLU C 614 -20.11 5.80 -32.16
N ALA C 615 -18.98 6.40 -31.80
CA ALA C 615 -18.20 6.00 -30.64
C ALA C 615 -18.69 6.75 -29.40
N PHE C 616 -19.01 6.00 -28.34
CA PHE C 616 -19.41 6.57 -27.06
C PHE C 616 -18.35 6.26 -26.00
N VAL C 617 -17.89 5.01 -26.00
CA VAL C 617 -16.76 4.60 -25.18
C VAL C 617 -15.52 5.27 -25.75
N LEU C 618 -14.94 6.18 -24.97
CA LEU C 618 -13.78 6.93 -25.44
C LEU C 618 -12.49 6.33 -24.89
N TYR C 619 -12.61 5.55 -23.83
CA TYR C 619 -11.46 4.96 -23.17
C TYR C 619 -11.91 3.76 -22.36
N GLY C 620 -10.91 3.02 -21.91
CA GLY C 620 -11.11 1.85 -21.10
C GLY C 620 -9.74 1.30 -20.78
N ASP C 621 -9.60 0.81 -19.55
CA ASP C 621 -8.37 0.17 -19.07
C ASP C 621 -8.81 -1.04 -18.28
N THR C 622 -8.47 -2.21 -18.80
CA THR C 622 -8.62 -3.48 -18.11
C THR C 622 -10.07 -3.90 -17.89
N ASP C 623 -10.81 -3.12 -17.10
CA ASP C 623 -12.14 -3.51 -16.63
C ASP C 623 -13.06 -2.31 -16.45
N SER C 624 -12.78 -1.25 -17.20
CA SER C 624 -13.52 -0.01 -17.05
C SER C 624 -13.84 0.59 -18.40
N ILE C 625 -15.02 1.18 -18.52
CA ILE C 625 -15.32 1.98 -19.69
C ILE C 625 -15.65 3.41 -19.30
N TYR C 626 -15.22 4.34 -20.15
CA TYR C 626 -15.57 5.75 -20.00
C TYR C 626 -16.45 6.14 -21.16
N VAL C 627 -17.70 6.49 -20.85
CA VAL C 627 -18.70 6.78 -21.86
C VAL C 627 -18.92 8.28 -22.02
N SER C 628 -18.83 8.75 -23.26
CA SER C 628 -19.10 10.15 -23.61
C SER C 628 -20.59 10.45 -23.52
N ALA C 629 -20.97 11.21 -22.49
CA ALA C 629 -22.38 11.42 -22.13
C ALA C 629 -23.02 12.64 -22.79
N ASP C 630 -22.28 13.30 -23.68
CA ASP C 630 -22.72 14.55 -24.29
C ASP C 630 -24.05 14.44 -25.03
N LYS C 631 -24.21 13.37 -25.81
CA LYS C 631 -25.41 13.22 -26.63
C LYS C 631 -26.66 12.95 -25.79
N ILE C 632 -26.48 12.26 -24.68
CA ILE C 632 -27.58 12.01 -23.74
C ILE C 632 -28.05 13.33 -23.13
N ILE C 633 -27.11 14.15 -22.65
CA ILE C 633 -27.43 15.48 -22.13
C ILE C 633 -28.07 16.39 -23.19
N ASP C 634 -27.47 16.41 -24.39
CA ASP C 634 -27.93 17.27 -25.49
C ASP C 634 -29.34 16.89 -25.95
N LYS C 635 -29.69 15.63 -25.73
CA LYS C 635 -31.02 15.13 -26.06
C LYS C 635 -32.10 15.80 -25.20
N VAL C 636 -31.66 16.49 -24.16
CA VAL C 636 -32.53 17.22 -23.21
C VAL C 636 -32.23 18.72 -23.28
N GLY C 637 -30.96 19.06 -23.45
CA GLY C 637 -30.53 20.45 -23.44
C GLY C 637 -30.10 20.95 -22.07
N GLU C 638 -28.93 21.58 -22.02
CA GLU C 638 -28.42 22.24 -20.80
C GLU C 638 -29.35 23.35 -20.34
N SER C 639 -30.19 23.82 -21.26
CA SER C 639 -31.29 24.72 -20.94
C SER C 639 -32.44 23.91 -20.31
N LYS C 640 -32.55 24.02 -18.99
CA LYS C 640 -33.29 23.13 -18.08
C LYS C 640 -32.31 22.76 -16.96
N PHE C 641 -32.73 21.92 -16.04
CA PHE C 641 -31.88 21.44 -14.96
C PHE C 641 -31.74 22.45 -13.82
N ARG C 642 -31.82 23.75 -14.13
CA ARG C 642 -31.62 24.84 -13.17
C ARG C 642 -30.20 24.84 -12.60
N ASP C 643 -29.81 23.72 -11.98
CA ASP C 643 -28.49 23.58 -11.35
C ASP C 643 -27.74 22.33 -11.83
N THR C 644 -26.44 22.31 -11.55
CA THR C 644 -25.58 21.17 -11.83
C THR C 644 -26.23 19.89 -11.32
N ASN C 645 -26.66 19.92 -10.06
CA ASN C 645 -27.12 18.73 -9.35
C ASN C 645 -28.29 18.01 -10.02
N HIS C 646 -29.08 18.75 -10.79
CA HIS C 646 -30.20 18.20 -11.56
C HIS C 646 -29.68 17.20 -12.59
N TRP C 647 -28.78 17.62 -13.48
CA TRP C 647 -28.30 16.73 -14.56
C TRP C 647 -27.50 15.53 -14.06
N VAL C 648 -26.82 15.68 -12.93
CA VAL C 648 -26.14 14.55 -12.29
C VAL C 648 -27.16 13.49 -11.86
N ASP C 649 -28.21 13.95 -11.19
CA ASP C 649 -29.31 13.12 -10.72
C ASP C 649 -30.05 12.49 -11.91
N PHE C 650 -30.01 13.18 -13.05
CA PHE C 650 -30.51 12.65 -14.33
C PHE C 650 -29.66 11.47 -14.79
N LEU C 651 -28.41 11.75 -15.17
CA LEU C 651 -27.48 10.74 -15.66
C LEU C 651 -27.39 9.49 -14.78
N ASP C 652 -27.24 9.70 -13.47
CA ASP C 652 -27.30 8.62 -12.49
C ASP C 652 -28.48 7.69 -12.78
N LYS C 653 -29.68 8.24 -12.74
CA LYS C 653 -30.91 7.48 -13.02
C LYS C 653 -30.85 6.78 -14.39
N PHE C 654 -30.25 7.44 -15.37
CA PHE C 654 -30.10 6.87 -16.70
C PHE C 654 -29.12 5.70 -16.69
N ALA C 655 -28.09 5.79 -15.84
CA ALA C 655 -27.12 4.71 -15.71
C ALA C 655 -27.77 3.49 -15.05
N ARG C 656 -28.43 3.73 -13.93
CA ARG C 656 -29.00 2.68 -13.09
C ARG C 656 -30.26 2.04 -13.69
N GLU C 657 -30.98 2.78 -14.53
CA GLU C 657 -32.23 2.27 -15.12
C GLU C 657 -32.10 1.75 -16.55
N ARG C 658 -31.27 2.41 -17.36
CA ARG C 658 -31.18 2.08 -18.77
C ARG C 658 -29.92 1.32 -19.13
N MET C 659 -28.77 1.94 -18.83
CA MET C 659 -27.50 1.39 -19.25
C MET C 659 -27.20 0.03 -18.61
N GLU C 660 -27.10 0.00 -17.28
CA GLU C 660 -26.74 -1.21 -16.55
C GLU C 660 -27.55 -2.44 -16.94
N PRO C 661 -28.90 -2.34 -17.02
CA PRO C 661 -29.65 -3.52 -17.46
C PRO C 661 -29.24 -4.02 -18.86
N ALA C 662 -28.95 -3.09 -19.77
CA ALA C 662 -28.41 -3.45 -21.09
C ALA C 662 -27.03 -4.10 -20.94
N ILE C 663 -26.18 -3.47 -20.12
CA ILE C 663 -24.85 -3.98 -19.78
C ILE C 663 -24.94 -5.37 -19.15
N ASP C 664 -25.92 -5.55 -18.28
CA ASP C 664 -26.12 -6.83 -17.62
C ASP C 664 -26.43 -7.86 -18.68
N ARG C 665 -27.39 -7.56 -19.56
CA ARG C 665 -27.78 -8.49 -20.64
C ARG C 665 -26.60 -8.86 -21.54
N GLY C 666 -25.73 -7.88 -21.79
CA GLY C 666 -24.52 -8.09 -22.57
C GLY C 666 -23.59 -9.12 -21.95
N PHE C 667 -23.38 -9.03 -20.65
CA PHE C 667 -22.52 -9.98 -19.95
C PHE C 667 -23.17 -11.34 -19.75
N ARG C 668 -24.50 -11.37 -19.76
CA ARG C 668 -25.22 -12.64 -19.69
C ARG C 668 -24.92 -13.44 -20.94
N GLU C 669 -25.01 -12.77 -22.08
CA GLU C 669 -24.77 -13.39 -23.38
C GLU C 669 -23.34 -13.98 -23.43
N MET C 670 -22.35 -13.16 -23.07
CA MET C 670 -20.94 -13.57 -23.11
C MET C 670 -20.66 -14.78 -22.22
N CYS C 671 -21.22 -14.75 -21.01
CA CYS C 671 -21.17 -15.89 -20.10
C CYS C 671 -21.73 -17.15 -20.74
N GLU C 672 -22.84 -16.99 -21.48
CA GLU C 672 -23.49 -18.06 -22.20
C GLU C 672 -22.57 -18.58 -23.29
N TYR C 673 -22.19 -17.67 -24.18
CA TYR C 673 -21.25 -17.92 -25.25
C TYR C 673 -20.01 -18.69 -24.76
N MET C 674 -19.49 -18.29 -23.60
CA MET C 674 -18.31 -18.91 -23.02
C MET C 674 -18.68 -20.14 -22.19
N ASN C 675 -19.98 -20.33 -21.98
CA ASN C 675 -20.53 -21.47 -21.23
C ASN C 675 -19.98 -21.61 -19.82
N ASN C 676 -19.83 -20.48 -19.15
CA ASN C 676 -19.20 -20.41 -17.82
C ASN C 676 -20.08 -20.94 -16.68
N LYS C 677 -19.44 -21.23 -15.54
CA LYS C 677 -20.12 -21.80 -14.39
C LYS C 677 -21.20 -20.85 -13.89
N GLN C 678 -20.80 -19.70 -13.36
CA GLN C 678 -21.78 -18.69 -12.97
C GLN C 678 -21.43 -17.28 -13.39
N HIS C 679 -22.45 -16.57 -13.87
CA HIS C 679 -22.31 -15.17 -14.25
C HIS C 679 -21.92 -14.30 -13.04
N LEU C 680 -20.79 -13.62 -13.16
CA LEU C 680 -20.28 -12.78 -12.09
C LEU C 680 -19.64 -11.49 -12.62
N MET C 681 -19.87 -11.19 -13.90
CA MET C 681 -19.40 -9.95 -14.51
C MET C 681 -20.38 -8.81 -14.21
N PHE C 682 -20.09 -8.04 -13.17
CA PHE C 682 -21.02 -7.00 -12.70
C PHE C 682 -20.42 -5.62 -12.93
N MET C 683 -20.99 -4.88 -13.88
CA MET C 683 -20.46 -3.57 -14.23
C MET C 683 -21.42 -2.47 -13.82
N ASP C 684 -21.07 -1.76 -12.75
CA ASP C 684 -21.88 -0.63 -12.34
C ASP C 684 -21.16 0.71 -12.46
N ARG C 685 -21.98 1.73 -12.60
CA ARG C 685 -21.53 3.08 -12.81
C ARG C 685 -20.66 3.55 -11.64
N GLU C 686 -19.55 4.23 -11.96
CA GLU C 686 -18.62 4.76 -10.97
C GLU C 686 -18.70 6.28 -10.86
N ALA C 687 -18.07 6.95 -11.82
CA ALA C 687 -17.96 8.40 -11.82
C ALA C 687 -19.00 9.06 -12.71
N ILE C 688 -19.57 10.17 -12.24
CA ILE C 688 -20.39 11.07 -13.07
C ILE C 688 -19.67 12.42 -13.14
N ALA C 689 -19.32 12.84 -14.36
CA ALA C 689 -18.40 13.96 -14.54
C ALA C 689 -18.83 15.06 -15.55
N GLY C 690 -18.66 16.31 -15.15
CA GLY C 690 -18.92 17.44 -16.02
C GLY C 690 -18.55 18.77 -15.38
N PRO C 691 -18.81 19.87 -16.09
CA PRO C 691 -18.57 21.21 -15.56
C PRO C 691 -19.78 21.71 -14.76
N PRO C 692 -19.58 22.70 -13.84
CA PRO C 692 -20.75 23.32 -13.22
C PRO C 692 -21.65 23.86 -14.32
N LEU C 693 -22.96 23.94 -14.08
CA LEU C 693 -23.90 24.39 -15.13
C LEU C 693 -23.52 25.72 -15.77
N GLY C 694 -23.51 25.73 -17.10
CA GLY C 694 -23.25 26.94 -17.90
C GLY C 694 -22.01 27.72 -17.50
N SER C 695 -20.98 27.00 -17.06
CA SER C 695 -19.69 27.61 -16.72
C SER C 695 -18.77 27.49 -17.93
N LYS C 696 -17.58 28.05 -17.82
CA LYS C 696 -16.58 28.00 -18.89
C LYS C 696 -15.74 26.72 -18.83
N GLY C 697 -16.02 25.87 -17.84
CA GLY C 697 -15.29 24.62 -17.61
C GLY C 697 -15.47 23.59 -18.70
N ILE C 698 -14.44 22.78 -18.92
CA ILE C 698 -14.46 21.76 -19.98
C ILE C 698 -14.88 20.39 -19.49
N GLY C 699 -15.12 20.27 -18.18
CA GLY C 699 -15.54 19.01 -17.58
C GLY C 699 -14.43 17.99 -17.39
N GLY C 700 -13.72 17.67 -18.47
CA GLY C 700 -12.64 16.67 -18.45
C GLY C 700 -11.79 16.64 -19.69
N PHE C 701 -10.65 15.93 -19.63
CA PHE C 701 -9.78 15.70 -20.79
C PHE C 701 -8.90 14.47 -20.66
N TRP C 702 -8.47 13.93 -21.80
CA TRP C 702 -7.46 12.88 -21.88
C TRP C 702 -6.24 13.38 -22.64
N THR C 703 -5.07 12.85 -22.31
CA THR C 703 -3.85 13.11 -23.09
C THR C 703 -3.37 11.85 -23.83
N GLY C 704 -3.78 10.69 -23.34
CA GLY C 704 -3.42 9.39 -23.89
C GLY C 704 -3.82 8.32 -22.89
N LYS C 705 -3.37 7.09 -23.11
CA LYS C 705 -3.54 6.03 -22.14
C LYS C 705 -3.05 6.47 -20.76
N LYS C 706 -3.77 6.05 -19.72
CA LYS C 706 -3.36 6.22 -18.32
C LYS C 706 -3.23 7.68 -17.87
N ARG C 707 -3.73 8.61 -18.70
CA ARG C 707 -3.63 10.05 -18.39
C ARG C 707 -4.89 10.83 -18.75
N TYR C 708 -5.67 11.15 -17.72
CA TYR C 708 -6.89 11.93 -17.85
C TYR C 708 -7.26 12.60 -16.53
N ALA C 709 -8.15 13.58 -16.62
CA ALA C 709 -8.63 14.35 -15.46
C ALA C 709 -10.12 14.60 -15.65
N LEU C 710 -10.90 14.38 -14.60
CA LEU C 710 -12.33 14.63 -14.66
C LEU C 710 -12.81 15.36 -13.42
N ASN C 711 -13.88 16.14 -13.60
CA ASN C 711 -14.56 16.82 -12.48
C ASN C 711 -15.78 16.00 -12.08
N VAL C 712 -15.62 15.27 -10.97
CA VAL C 712 -16.56 14.23 -10.57
C VAL C 712 -17.53 14.77 -9.53
N TRP C 713 -18.83 14.55 -9.77
CA TRP C 713 -19.87 14.99 -8.85
C TRP C 713 -20.38 13.85 -7.98
N ASP C 714 -20.42 12.65 -8.56
CA ASP C 714 -20.87 11.48 -7.85
C ASP C 714 -19.92 10.34 -8.18
N MET C 715 -19.44 9.66 -7.14
CA MET C 715 -18.54 8.55 -7.32
C MET C 715 -19.04 7.33 -6.55
N GLU C 716 -19.50 6.33 -7.30
CA GLU C 716 -20.02 5.08 -6.74
C GLU C 716 -21.16 5.29 -5.72
N GLY C 717 -22.03 6.23 -6.01
CA GLY C 717 -23.19 6.47 -5.17
C GLY C 717 -22.92 7.45 -4.04
N THR C 718 -21.74 8.07 -4.07
CA THR C 718 -21.42 9.15 -3.13
C THR C 718 -21.54 10.48 -3.84
N ARG C 719 -22.48 11.30 -3.41
CA ARG C 719 -22.68 12.60 -4.00
C ARG C 719 -21.89 13.59 -3.17
N TYR C 720 -20.90 14.22 -3.79
CA TYR C 720 -19.99 15.08 -3.04
C TYR C 720 -20.63 16.43 -2.77
N ALA C 721 -20.36 16.96 -1.57
CA ALA C 721 -20.72 18.32 -1.23
C ALA C 721 -20.15 19.27 -2.29
N GLU C 722 -18.84 19.14 -2.51
CA GLU C 722 -18.11 19.89 -3.53
C GLU C 722 -17.57 18.90 -4.56
N PRO C 723 -17.54 19.29 -5.84
CA PRO C 723 -17.08 18.37 -6.87
C PRO C 723 -15.60 18.05 -6.66
N LYS C 724 -15.22 16.82 -6.94
CA LYS C 724 -13.91 16.34 -6.60
C LYS C 724 -13.18 15.99 -7.89
N LEU C 725 -11.91 16.36 -7.94
CA LEU C 725 -11.12 16.05 -9.12
C LEU C 725 -10.59 14.65 -9.07
N LYS C 726 -10.87 13.91 -10.13
CA LYS C 726 -10.30 12.60 -10.37
C LYS C 726 -9.20 12.84 -11.38
N ILE C 727 -7.96 12.68 -10.96
CA ILE C 727 -6.83 12.86 -11.86
C ILE C 727 -5.99 11.59 -11.83
N MET C 728 -5.80 10.99 -13.00
CA MET C 728 -5.10 9.73 -13.15
C MET C 728 -3.84 9.94 -13.97
N GLY C 729 -2.72 9.49 -13.45
CA GLY C 729 -1.48 9.49 -14.22
C GLY C 729 -0.79 10.81 -14.49
N LEU C 730 -1.50 11.93 -14.37
CA LEU C 730 -0.86 13.22 -14.65
C LEU C 730 0.12 13.57 -13.55
N GLU C 731 0.97 14.55 -13.82
CA GLU C 731 2.05 14.89 -12.93
C GLU C 731 1.61 15.25 -11.51
N THR C 732 0.37 15.71 -11.35
CA THR C 732 -0.20 15.96 -10.03
C THR C 732 -0.20 14.73 -9.11
N GLN C 733 -0.14 13.53 -9.67
CA GLN C 733 -0.26 12.27 -8.91
C GLN C 733 1.07 11.65 -8.59
N LYS C 734 2.13 12.16 -9.20
CA LYS C 734 3.41 11.51 -9.13
C LYS C 734 4.23 12.12 -8.02
N SER C 735 4.83 11.25 -7.21
CA SER C 735 5.65 11.66 -6.08
C SER C 735 6.98 12.31 -6.51
N SER C 736 7.30 12.23 -7.80
CA SER C 736 8.56 12.81 -8.30
C SER C 736 8.44 14.29 -8.72
N THR C 737 7.20 14.78 -8.82
CA THR C 737 6.98 16.16 -9.17
C THR C 737 6.93 17.01 -7.89
N PRO C 738 7.66 18.14 -7.89
CA PRO C 738 7.75 19.05 -6.73
C PRO C 738 6.39 19.34 -6.11
N LYS C 739 6.34 19.34 -4.79
CA LYS C 739 5.06 19.59 -4.08
C LYS C 739 4.34 20.85 -4.55
N ALA C 740 5.05 21.97 -4.56
CA ALA C 740 4.50 23.24 -5.04
C ALA C 740 3.93 23.11 -6.46
N VAL C 741 4.59 22.30 -7.28
CA VAL C 741 4.20 22.12 -8.68
C VAL C 741 2.95 21.25 -8.80
N GLN C 742 2.86 20.18 -8.01
CA GLN C 742 1.65 19.36 -7.95
C GLN C 742 0.47 20.23 -7.65
N LYS C 743 0.62 21.02 -6.59
CA LYS C 743 -0.43 21.93 -6.12
C LYS C 743 -0.88 22.86 -7.24
N ALA C 744 0.09 23.46 -7.91
CA ALA C 744 -0.21 24.44 -8.95
C ALA C 744 -0.80 23.82 -10.21
N LEU C 745 -0.29 22.64 -10.62
CA LEU C 745 -0.85 21.96 -11.78
C LEU C 745 -2.29 21.51 -11.49
N LYS C 746 -2.54 21.12 -10.23
CA LYS C 746 -3.88 20.75 -9.77
C LYS C 746 -4.82 21.94 -9.89
N GLU C 747 -4.35 23.13 -9.52
CA GLU C 747 -5.22 24.30 -9.65
C GLU C 747 -5.47 24.65 -11.11
N CYS C 748 -4.46 24.46 -11.96
CA CYS C 748 -4.60 24.71 -13.38
C CYS C 748 -5.64 23.77 -13.97
N ILE C 749 -5.62 22.52 -13.54
CA ILE C 749 -6.57 21.52 -14.00
C ILE C 749 -7.95 21.88 -13.47
N ARG C 750 -8.01 22.16 -12.16
CA ARG C 750 -9.26 22.56 -11.54
C ARG C 750 -9.84 23.72 -12.31
N ARG C 751 -8.99 24.70 -12.62
CA ARG C 751 -9.43 25.87 -13.36
C ARG C 751 -9.82 25.52 -14.79
N MET C 752 -9.21 24.49 -15.38
CA MET C 752 -9.59 24.06 -16.73
C MET C 752 -10.97 23.42 -16.74
N LEU C 753 -11.24 22.57 -15.77
CA LEU C 753 -12.47 21.78 -15.77
C LEU C 753 -13.68 22.47 -15.17
N GLN C 754 -13.47 23.30 -14.15
CA GLN C 754 -14.58 23.97 -13.44
C GLN C 754 -14.91 25.37 -13.97
N GLU C 755 -13.88 26.16 -14.22
CA GLU C 755 -14.00 27.47 -14.85
C GLU C 755 -13.38 27.33 -16.25
N GLY C 756 -13.09 28.43 -16.94
CA GLY C 756 -12.61 28.27 -18.33
C GLY C 756 -11.15 28.50 -18.63
N GLU C 757 -10.88 28.98 -19.85
CA GLU C 757 -9.53 29.30 -20.29
C GLU C 757 -8.95 30.55 -19.61
N GLU C 758 -9.77 31.59 -19.49
CA GLU C 758 -9.35 32.85 -18.87
C GLU C 758 -8.85 32.62 -17.45
N SER C 759 -9.67 31.91 -16.67
CA SER C 759 -9.33 31.51 -15.32
C SER C 759 -7.98 30.80 -15.22
N LEU C 760 -7.75 29.87 -16.13
CA LEU C 760 -6.48 29.13 -16.22
C LEU C 760 -5.31 30.06 -16.54
N GLN C 761 -5.50 30.94 -17.53
CA GLN C 761 -4.47 31.93 -17.89
C GLN C 761 -4.12 32.87 -16.73
N GLU C 762 -5.16 33.37 -16.08
CA GLU C 762 -5.01 34.25 -14.94
C GLU C 762 -4.11 33.61 -13.88
N TYR C 763 -4.29 32.32 -13.65
CA TYR C 763 -3.52 31.57 -12.67
C TYR C 763 -2.09 31.29 -13.08
N PHE C 764 -1.91 30.88 -14.33
CA PHE C 764 -0.58 30.67 -14.89
C PHE C 764 0.24 31.95 -14.82
N LYS C 765 -0.39 33.07 -15.16
CA LYS C 765 0.27 34.37 -15.04
C LYS C 765 0.76 34.59 -13.60
N GLU C 766 -0.14 34.40 -12.63
CA GLU C 766 0.23 34.56 -11.23
C GLU C 766 1.32 33.59 -10.79
N PHE C 767 1.15 32.30 -11.08
CA PHE C 767 2.11 31.31 -10.62
C PHE C 767 3.55 31.59 -11.05
N GLU C 768 3.74 31.93 -12.33
CA GLU C 768 5.05 32.22 -12.88
C GLU C 768 5.66 33.46 -12.21
N LYS C 769 4.83 34.46 -12.00
CA LYS C 769 5.25 35.68 -11.34
C LYS C 769 5.73 35.37 -9.91
N GLU C 770 5.13 34.39 -9.26
CA GLU C 770 5.42 34.12 -7.85
C GLU C 770 6.38 32.95 -7.58
N PHE C 771 6.66 32.19 -8.63
CA PHE C 771 7.47 30.99 -8.57
C PHE C 771 8.83 31.10 -7.89
N ARG C 772 9.53 32.21 -8.05
CA ARG C 772 10.89 32.34 -7.55
C ARG C 772 10.95 32.52 -6.03
N GLN C 773 9.78 32.70 -5.41
CA GLN C 773 9.69 32.98 -3.98
C GLN C 773 9.32 31.77 -3.13
N LEU C 774 8.99 30.66 -3.78
CA LEU C 774 8.62 29.42 -3.10
C LEU C 774 9.84 28.79 -2.45
N ASN C 775 9.62 27.98 -1.41
CA ASN C 775 10.70 27.33 -0.70
C ASN C 775 11.38 26.24 -1.55
N TYR C 776 12.71 26.19 -1.52
CA TYR C 776 13.46 25.27 -2.39
C TYR C 776 12.94 23.83 -2.32
N ILE C 777 12.65 23.36 -1.11
CA ILE C 777 12.13 22.02 -0.86
C ILE C 777 10.80 21.79 -1.59
N SER C 778 9.95 22.81 -1.63
CA SER C 778 8.64 22.65 -2.27
C SER C 778 8.74 22.50 -3.79
N ILE C 779 9.80 23.05 -4.38
CA ILE C 779 9.97 23.02 -5.82
C ILE C 779 11.00 21.98 -6.32
N ALA C 780 11.58 21.22 -5.41
CA ALA C 780 12.56 20.20 -5.78
C ALA C 780 11.89 18.92 -6.34
N SER C 781 12.57 18.26 -7.27
CA SER C 781 12.02 17.03 -7.81
C SER C 781 12.38 15.90 -6.86
N VAL C 782 11.69 14.77 -6.99
CA VAL C 782 12.03 13.60 -6.19
C VAL C 782 12.34 12.42 -7.07
N SER C 783 13.19 11.50 -6.60
CA SER C 783 13.55 10.28 -7.33
C SER C 783 14.19 9.25 -6.38
N SER C 784 14.14 7.99 -6.77
CA SER C 784 14.79 6.94 -6.01
C SER C 784 16.26 6.87 -6.43
N ALA C 785 17.11 6.39 -5.52
CA ALA C 785 18.55 6.35 -5.78
C ALA C 785 19.09 4.94 -6.08
N ASN C 786 18.63 4.36 -7.19
CA ASN C 786 19.06 3.01 -7.56
C ASN C 786 20.34 2.98 -8.38
N ASN C 787 21.23 2.06 -8.03
CA ASN C 787 22.45 1.78 -8.80
C ASN C 787 23.43 2.94 -8.88
N ILE C 788 23.58 3.65 -7.77
CA ILE C 788 24.59 4.70 -7.67
C ILE C 788 25.94 4.15 -8.15
N ALA C 789 26.40 3.08 -7.50
CA ALA C 789 27.70 2.46 -7.80
C ALA C 789 27.92 2.24 -9.29
N LYS C 790 26.94 1.62 -9.95
CA LYS C 790 27.09 1.19 -11.34
C LYS C 790 27.60 2.33 -12.23
N TYR C 791 27.20 3.55 -11.87
CA TYR C 791 27.45 4.74 -12.68
C TYR C 791 28.53 5.65 -12.09
N ASP C 792 29.05 5.23 -10.92
CA ASP C 792 30.00 6.03 -10.14
C ASP C 792 31.27 6.39 -10.92
N VAL C 793 32.06 5.37 -11.26
CA VAL C 793 33.25 5.53 -12.11
C VAL C 793 34.09 6.78 -11.77
N GLY C 794 34.69 6.77 -10.58
CA GLY C 794 35.61 7.82 -10.16
C GLY C 794 34.97 9.07 -9.56
N GLY C 795 33.72 8.94 -9.11
CA GLY C 795 32.99 10.05 -8.48
C GLY C 795 32.45 11.09 -9.45
N PHE C 796 32.53 10.78 -10.74
CA PHE C 796 31.98 11.60 -11.81
C PHE C 796 31.04 10.75 -12.66
N PRO C 797 29.95 11.34 -13.18
CA PRO C 797 28.95 10.64 -14.02
C PRO C 797 29.54 9.67 -15.06
N GLY C 798 29.22 8.39 -14.92
CA GLY C 798 29.59 7.37 -15.91
C GLY C 798 28.72 7.39 -17.17
N PRO C 799 28.72 6.31 -17.95
CA PRO C 799 28.03 6.37 -19.24
C PRO C 799 26.52 6.18 -19.07
N LYS C 800 25.74 7.01 -19.77
CA LYS C 800 24.27 6.97 -19.71
C LYS C 800 23.78 7.17 -18.28
N CYS C 801 24.60 7.87 -17.50
CA CYS C 801 24.26 8.14 -16.12
C CYS C 801 22.95 8.89 -16.03
N PRO C 802 21.99 8.37 -15.25
CA PRO C 802 20.71 9.06 -15.04
C PRO C 802 20.85 10.44 -14.39
N PHE C 803 19.92 11.33 -14.71
CA PHE C 803 20.00 12.71 -14.27
C PHE C 803 20.15 12.80 -12.75
N HIS C 804 19.32 12.04 -12.03
CA HIS C 804 19.35 12.07 -10.58
C HIS C 804 20.64 11.49 -10.01
N ILE C 805 21.07 10.37 -10.58
CA ILE C 805 22.28 9.71 -10.14
C ILE C 805 23.45 10.68 -10.30
N ARG C 806 23.43 11.45 -11.40
CA ARG C 806 24.42 12.50 -11.65
C ARG C 806 24.43 13.48 -10.49
N GLY C 807 23.22 13.87 -10.07
CA GLY C 807 23.06 14.86 -9.01
C GLY C 807 23.60 14.41 -7.67
N ILE C 808 23.50 13.10 -7.41
CA ILE C 808 24.06 12.52 -6.19
C ILE C 808 25.59 12.58 -6.30
N LEU C 809 26.11 12.22 -7.47
CA LEU C 809 27.54 12.29 -7.70
C LEU C 809 28.08 13.68 -7.38
N THR C 810 27.35 14.72 -7.77
CA THR C 810 27.81 16.08 -7.49
C THR C 810 27.74 16.37 -6.00
N TYR C 811 26.70 15.83 -5.35
CA TYR C 811 26.57 15.92 -3.89
C TYR C 811 27.78 15.31 -3.22
N ASN C 812 27.95 13.99 -3.38
CA ASN C 812 29.08 13.23 -2.81
C ASN C 812 30.44 13.89 -2.96
N ARG C 813 30.66 14.43 -4.16
CA ARG C 813 31.87 15.14 -4.50
C ARG C 813 31.95 16.43 -3.66
N ALA C 814 30.80 17.08 -3.48
CA ALA C 814 30.74 18.34 -2.75
C ALA C 814 30.74 18.16 -1.23
N ILE C 815 30.51 16.94 -0.75
CA ILE C 815 30.57 16.67 0.69
C ILE C 815 31.74 15.79 1.08
N LYS C 816 32.68 15.63 0.15
CA LYS C 816 33.87 14.84 0.38
C LYS C 816 34.61 15.36 1.62
N GLY C 817 35.14 14.44 2.41
CA GLY C 817 36.01 14.82 3.52
C GLY C 817 35.34 14.83 4.87
N ASN C 818 34.47 15.82 5.10
CA ASN C 818 33.78 15.92 6.39
C ASN C 818 32.65 14.89 6.51
N ILE C 819 33.02 13.65 6.86
CA ILE C 819 32.06 12.59 7.14
C ILE C 819 31.26 13.06 8.36
N ASP C 820 30.08 13.60 8.07
CA ASP C 820 29.32 14.42 9.01
C ASP C 820 28.02 14.79 8.31
N ALA C 821 28.13 15.20 7.04
CA ALA C 821 26.99 15.39 6.17
C ALA C 821 26.39 14.02 5.87
N PRO C 822 25.04 13.92 5.84
CA PRO C 822 24.36 12.64 5.61
C PRO C 822 24.66 12.08 4.22
N GLN C 823 24.92 10.78 4.16
CA GLN C 823 25.29 10.10 2.92
C GLN C 823 24.02 9.61 2.23
N VAL C 824 23.92 9.79 0.91
CA VAL C 824 22.78 9.29 0.17
C VAL C 824 22.70 7.77 0.31
N VAL C 825 21.63 7.31 0.94
CA VAL C 825 21.41 5.89 1.16
C VAL C 825 20.99 5.26 -0.16
N GLU C 826 21.65 4.16 -0.52
CA GLU C 826 21.39 3.46 -1.78
C GLU C 826 19.98 2.88 -1.79
N GLY C 827 19.22 3.25 -2.81
CA GLY C 827 17.83 2.77 -2.97
C GLY C 827 16.80 3.67 -2.30
N GLU C 828 17.26 4.73 -1.63
CA GLU C 828 16.37 5.70 -0.99
C GLU C 828 16.03 6.89 -1.87
N LYS C 829 15.07 7.69 -1.42
CA LYS C 829 14.58 8.81 -2.24
C LYS C 829 15.43 10.06 -2.06
N VAL C 830 15.54 10.83 -3.12
CA VAL C 830 16.30 12.08 -3.06
C VAL C 830 15.58 13.26 -3.71
N TYR C 831 15.81 14.45 -3.14
CA TYR C 831 15.46 15.71 -3.81
C TYR C 831 16.48 16.02 -4.88
N VAL C 832 16.04 16.64 -5.96
CA VAL C 832 16.95 16.97 -7.04
C VAL C 832 16.67 18.39 -7.52
N LEU C 833 17.74 19.13 -7.75
CA LEU C 833 17.63 20.50 -8.27
C LEU C 833 18.57 20.77 -9.42
N PRO C 834 18.08 21.46 -10.47
CA PRO C 834 18.95 21.77 -11.57
C PRO C 834 19.87 22.91 -11.16
N LEU C 835 21.07 22.91 -11.72
CA LEU C 835 22.05 23.94 -11.40
C LEU C 835 22.32 24.86 -12.58
N ARG C 836 22.36 26.15 -12.27
CA ARG C 836 22.43 27.22 -13.24
C ARG C 836 23.83 27.34 -13.85
N GLU C 837 23.90 27.82 -15.09
CA GLU C 837 25.13 27.87 -15.89
C GLU C 837 26.32 28.54 -15.18
N GLY C 838 27.38 27.75 -14.99
CA GLY C 838 28.65 28.23 -14.44
C GLY C 838 28.73 28.28 -12.92
N ASN C 839 28.28 27.21 -12.27
CA ASN C 839 28.19 27.12 -10.80
C ASN C 839 29.39 26.41 -10.17
N PRO C 840 29.55 26.49 -8.84
CA PRO C 840 30.74 25.94 -8.18
C PRO C 840 30.70 24.43 -8.03
N PHE C 841 29.58 23.81 -8.36
CA PHE C 841 29.47 22.36 -8.25
C PHE C 841 30.00 21.66 -9.50
N GLY C 842 30.22 22.44 -10.57
CA GLY C 842 30.86 21.97 -11.79
C GLY C 842 30.05 20.95 -12.58
N ASP C 843 28.74 20.99 -12.38
CA ASP C 843 27.80 20.11 -13.05
C ASP C 843 26.45 20.82 -13.06
N LYS C 844 25.44 20.16 -13.62
CA LYS C 844 24.18 20.82 -13.98
C LYS C 844 22.99 20.51 -13.07
N CYS C 845 23.25 19.77 -11.99
CA CYS C 845 22.23 19.40 -11.00
C CYS C 845 22.86 18.82 -9.75
N ILE C 846 22.08 18.81 -8.68
CA ILE C 846 22.50 18.24 -7.41
C ILE C 846 21.33 17.55 -6.73
N ALA C 847 21.62 16.46 -6.01
CA ALA C 847 20.60 15.73 -5.25
C ALA C 847 21.07 15.49 -3.82
N TRP C 848 20.12 15.30 -2.92
CA TRP C 848 20.43 15.02 -1.52
C TRP C 848 19.25 14.24 -0.96
N PRO C 849 19.45 13.51 0.17
CA PRO C 849 18.39 12.68 0.76
C PRO C 849 17.10 13.45 1.04
N SER C 850 15.96 12.87 0.67
CA SER C 850 14.67 13.51 0.89
C SER C 850 14.23 13.63 2.36
N GLY C 851 13.25 14.49 2.59
CA GLY C 851 12.81 14.83 3.93
C GLY C 851 13.73 15.93 4.41
N THR C 852 15.01 15.57 4.57
CA THR C 852 16.03 16.47 5.11
C THR C 852 16.24 17.76 4.30
N GLU C 853 16.72 18.78 5.00
CA GLU C 853 17.37 19.95 4.41
C GLU C 853 18.80 19.49 4.14
N ILE C 854 19.43 20.05 3.12
CA ILE C 854 20.83 19.74 2.91
C ILE C 854 21.60 20.41 4.04
N THR C 855 22.71 19.78 4.44
CA THR C 855 23.59 20.37 5.46
C THR C 855 24.12 21.72 5.02
N ASP C 856 24.21 22.65 5.98
CA ASP C 856 24.58 24.04 5.73
C ASP C 856 25.92 24.19 5.01
N LEU C 857 26.71 23.12 5.07
CA LEU C 857 27.99 23.06 4.37
C LEU C 857 27.84 23.37 2.88
N ILE C 858 26.68 23.05 2.31
CA ILE C 858 26.40 23.36 0.90
C ILE C 858 25.05 24.05 0.64
N LYS C 859 24.27 24.26 1.69
CA LYS C 859 22.90 24.77 1.52
C LYS C 859 22.85 26.10 0.78
N ASP C 860 23.71 27.04 1.15
CA ASP C 860 23.59 28.38 0.61
C ASP C 860 24.03 28.54 -0.84
N ASP C 861 25.02 27.73 -1.25
CA ASP C 861 25.48 27.68 -2.64
C ASP C 861 24.40 27.03 -3.52
N VAL C 862 23.66 26.10 -2.93
CA VAL C 862 22.57 25.45 -3.65
C VAL C 862 21.44 26.46 -3.93
N LEU C 863 21.10 27.27 -2.94
CA LEU C 863 20.01 28.24 -3.06
C LEU C 863 20.32 29.35 -4.06
N HIS C 864 21.59 29.74 -4.13
CA HIS C 864 21.99 30.83 -5.01
C HIS C 864 22.00 30.34 -6.46
N TRP C 865 22.84 29.33 -6.71
CA TRP C 865 22.99 28.76 -8.04
C TRP C 865 21.80 27.91 -8.49
N MET C 866 20.64 28.16 -7.89
CA MET C 866 19.40 27.47 -8.23
C MET C 866 18.89 27.88 -9.60
N ASP C 867 18.50 26.89 -10.39
CA ASP C 867 18.04 27.17 -11.73
C ASP C 867 16.51 27.13 -11.85
N TYR C 868 15.89 28.22 -11.44
CA TYR C 868 14.44 28.39 -11.45
C TYR C 868 13.82 28.26 -12.83
N THR C 869 14.49 28.83 -13.82
CA THR C 869 14.02 28.82 -15.20
C THR C 869 13.88 27.39 -15.74
N VAL C 870 14.88 26.56 -15.50
CA VAL C 870 14.89 25.16 -15.92
C VAL C 870 13.91 24.36 -15.07
N LEU C 871 13.78 24.73 -13.79
CA LEU C 871 12.77 24.11 -12.93
C LEU C 871 11.35 24.39 -13.42
N LEU C 872 11.03 25.66 -13.61
CA LEU C 872 9.72 26.09 -14.10
C LEU C 872 9.41 25.41 -15.44
N GLU C 873 10.33 25.55 -16.39
CA GLU C 873 10.18 24.97 -17.71
C GLU C 873 9.92 23.48 -17.66
N LYS C 874 10.82 22.74 -17.02
CA LYS C 874 10.75 21.29 -17.02
C LYS C 874 9.59 20.73 -16.21
N THR C 875 9.46 21.19 -14.97
CA THR C 875 8.50 20.53 -14.08
C THR C 875 7.09 21.08 -14.19
N PHE C 876 6.93 22.30 -14.67
CA PHE C 876 5.61 22.94 -14.67
C PHE C 876 5.08 23.21 -16.06
N ILE C 877 5.77 24.07 -16.80
CA ILE C 877 5.33 24.48 -18.12
C ILE C 877 5.17 23.28 -19.04
N LYS C 878 6.19 22.43 -19.08
CA LYS C 878 6.21 21.29 -19.98
C LYS C 878 4.93 20.46 -19.81
N PRO C 879 4.66 19.97 -18.57
CA PRO C 879 3.43 19.20 -18.35
C PRO C 879 2.16 19.98 -18.62
N LEU C 880 2.17 21.28 -18.34
CA LEU C 880 1.01 22.12 -18.61
C LEU C 880 0.70 22.16 -20.10
N GLU C 881 1.76 22.29 -20.91
CA GLU C 881 1.63 22.25 -22.36
C GLU C 881 0.91 20.97 -22.76
N GLY C 882 1.31 19.86 -22.17
CA GLY C 882 0.64 18.58 -22.41
C GLY C 882 -0.85 18.61 -22.13
N PHE C 883 -1.24 19.13 -20.97
CA PHE C 883 -2.65 19.20 -20.59
C PHE C 883 -3.45 20.07 -21.55
N THR C 884 -2.96 21.28 -21.80
CA THR C 884 -3.71 22.28 -22.58
C THR C 884 -3.83 21.95 -24.05
N SER C 885 -2.77 21.35 -24.62
CA SER C 885 -2.79 20.90 -26.01
C SER C 885 -3.91 19.92 -26.21
N ALA C 886 -3.85 18.81 -25.48
CA ALA C 886 -4.87 17.78 -25.48
C ALA C 886 -6.26 18.38 -25.25
N ALA C 887 -6.34 19.35 -24.35
CA ALA C 887 -7.61 20.02 -24.05
C ALA C 887 -8.02 21.08 -25.09
N LYS C 888 -7.13 21.37 -26.04
CA LYS C 888 -7.40 22.39 -27.08
C LYS C 888 -7.57 23.79 -26.48
N LEU C 889 -6.71 24.10 -25.51
CA LEU C 889 -6.70 25.39 -24.84
C LEU C 889 -5.30 25.96 -24.85
N ASP C 890 -5.17 27.21 -24.43
CA ASP C 890 -3.88 27.88 -24.29
C ASP C 890 -3.75 28.46 -22.88
N TYR C 891 -2.56 28.29 -22.29
CA TYR C 891 -2.30 28.76 -20.92
C TYR C 891 -1.78 30.19 -20.93
N GLU C 892 -1.34 30.65 -22.09
CA GLU C 892 -0.93 32.02 -22.30
C GLU C 892 -1.84 32.66 -23.33
N LYS C 893 -2.11 33.95 -23.19
CA LYS C 893 -2.91 34.69 -24.17
C LYS C 893 -2.23 34.67 -25.54
N LYS C 894 -3.01 34.36 -26.56
CA LYS C 894 -2.51 34.27 -27.94
C LYS C 894 -2.54 35.63 -28.63
N ALA C 895 -1.71 35.79 -29.67
CA ALA C 895 -1.61 37.04 -30.43
C ALA C 895 -2.87 37.29 -31.25
N SER C 896 -3.76 38.10 -30.66
CA SER C 896 -5.12 38.35 -31.17
C SER C 896 -5.27 38.64 -32.68
N LEU C 897 -4.20 39.11 -33.32
CA LEU C 897 -4.27 39.68 -34.67
C LEU C 897 -4.99 41.02 -34.66
N PHE C 898 -5.92 41.17 -33.70
CA PHE C 898 -6.64 42.43 -33.47
C PHE C 898 -5.80 43.45 -32.68
N ASP C 899 -4.74 42.98 -32.03
CA ASP C 899 -3.92 43.80 -31.12
C ASP C 899 -3.54 45.17 -31.69
N MET C 900 -3.52 45.29 -33.02
CA MET C 900 -3.15 46.55 -33.69
C MET C 900 -4.18 47.68 -33.54
N PHE C 901 -5.06 47.56 -32.54
CA PHE C 901 -6.15 48.54 -32.34
C PHE C 901 -5.93 49.50 -31.15
CA CA D . -12.53 -3.01 -11.04
CA CA E . -10.76 0.04 -12.78
CA CA F . -17.23 -0.46 -8.51
CA CA G . 15.78 9.86 16.73
CL CL H . 28.66 -6.74 17.37
PA TTP I . -9.27 -2.53 -10.25
O1A TTP I . -8.31 -1.50 -9.66
O2A TTP I . -10.32 -1.96 -11.16
O3A TTP I . -9.95 -3.28 -9.01
PB TTP I . -10.65 -4.73 -9.03
O1B TTP I . -9.67 -5.81 -8.67
O2B TTP I . -11.45 -5.00 -10.29
O3B TTP I . -11.66 -4.57 -7.80
PG TTP I . -12.62 -3.27 -7.65
O1G TTP I . -13.07 -2.70 -8.97
O2G TTP I . -13.85 -3.75 -6.90
O3G TTP I . -11.77 -2.26 -6.88
O5' TTP I . -8.40 -3.62 -11.09
C5' TTP I . -8.97 -4.32 -12.18
C4' TTP I . -8.20 -5.62 -12.34
O4' TTP I . -6.85 -5.28 -12.62
C3' TTP I . -8.16 -6.47 -11.09
O3' TTP I . -9.21 -7.44 -11.04
C2' TTP I . -6.84 -7.18 -11.23
C1' TTP I . -5.95 -6.17 -11.94
N1 TTP I . -5.16 -5.55 -10.86
C2 TTP I . -4.01 -6.25 -10.43
O2 TTP I . -3.71 -7.32 -11.01
N3 TTP I . -3.24 -5.77 -9.44
C4 TTP I . -3.55 -4.62 -8.82
O4 TTP I . -2.84 -4.20 -7.89
C5 TTP I . -4.76 -3.87 -9.24
C5M TTP I . -5.18 -2.58 -8.59
C6 TTP I . -5.53 -4.41 -10.26
#